data_6Z02
#
_entry.id   6Z02
#
_cell.length_a   139.850
_cell.length_b   139.850
_cell.length_c   185.370
_cell.angle_alpha   90.000
_cell.angle_beta   90.000
_cell.angle_gamma   120.000
#
_symmetry.space_group_name_H-M   'P 31 2 1'
#
loop_
_entity.id
_entity.type
_entity.pdbx_description
1 polymer 'Reaction center protein H chain'
2 polymer 'Reaction center protein L chain'
3 polymer 'Reaction center protein M chain'
4 non-polymer 'LAURYL DIMETHYLAMINE-N-OXIDE'
5 non-polymer DODECANE
6 non-polymer PENTADECANE
7 non-polymer 'PHOSPHATE ION'
8 non-polymer 1,2-ETHANEDIOL
9 non-polymer 'SODIUM ION'
10 non-polymer 'POTASSIUM ION'
11 non-polymer 'BACTERIOCHLOROPHYLL A'
12 non-polymer 'BACTERIOPHEOPHYTIN A'
13 non-polymer UBIQUINONE-10
14 non-polymer DECANE
15 non-polymer '1,4-DIETHYLENE DIOXIDE'
16 non-polymer HEPTANE-1,2,3-TRIOL
17 non-polymer 'FE (III) ION'
18 non-polymer SPEROIDENONE
19 non-polymer CARDIOLIPIN
20 water water
#
loop_
_entity_poly.entity_id
_entity_poly.type
_entity_poly.pdbx_seq_one_letter_code
_entity_poly.pdbx_strand_id
1 'polypeptide(L)'
;FDLASLAIYSFWIFLAGLIYYLQTENMREGYPLENEDGTPAANQGPFPLPKPKTFILPHGRGTLTVPGPESEDRPIALAR
TAVSEGFPHAPTGDPMKDGVGPASWVARRDLPELDGHGHNKIKPMKAAAGFHVSAGKNPIGLPVRGCDLEIAGKVVDIWV
DIPEQMARFLEVELKDGSTRLLPMQMVKVQSNRVHVNALSSDLFAGIPTIKSPTEVTLLEEDKICGYVAGGLMYAAPKRK
S
;
H
2 'polypeptide(L)'
;ALLSFERKYRVPGGTLVGGNLFDFWVGPFYVGFFGVATFFFAALGIILIAWSAVLQGTWNPQLISVYPPALEYGLGGAPL
AKGGLWQIITICATGAFVSWALREVEICRKLGIGYHIPFAFAFAILAYLTLVLFRPVMMGAWGYAFPYGIWTHLDWVSNT
GYTYGNFHYNPAHMIAITFFFTNALALALHGALVLSAANPEKGKEMRTPDHEDTFFRDLVGYSIGTLGIHRLGLLLSLSA
VFFSALCMIITGTIWFDQWVDWWQWWVKLPWWANIPGGING
;
L
3 'polypeptide(L)'
;AEYQNIFTQVQVRGPADLGMTEDVNLANRSGVGPFSTLLGWFGNAQLGPIYLGSLGVLSLFSGLMWFFTIGIWFWYQAGW
NPAVFLRDLFFFSLEPPAPEYGLSFAAPLKEGGLWLIASFFMFVAVWSWWGRTYLRAQALGMGKHTAWAFLSAIWLWMVL
GFIRPILMGSWSEAVPYGIFSHLDWTNNFSLVHGNLFYNPFHGLSIAFLYGSALLFAMHGATILAVSRFGGERELEQIAD
RGTAAERAALFWRWTMGFNATMEGIHRWAIWMAVLVTLTGGIGILLSGTVVDNWYVWGQNHG
;
M
#
# COMPACT_ATOMS: atom_id res chain seq x y z
N ASP A 2 11.63 8.31 35.16
CA ASP A 2 10.53 8.95 34.46
C ASP A 2 9.82 7.98 33.50
N LEU A 3 8.49 7.89 33.63
CA LEU A 3 7.74 6.85 32.92
C LEU A 3 7.84 6.98 31.41
N ALA A 4 7.69 8.20 30.88
CA ALA A 4 7.78 8.39 29.43
C ALA A 4 9.15 7.96 28.90
N SER A 5 10.21 8.34 29.60
CA SER A 5 11.55 7.97 29.16
C SER A 5 11.76 6.44 29.22
N LEU A 6 11.10 5.75 30.15
CA LEU A 6 11.20 4.29 30.15
C LEU A 6 10.42 3.70 28.99
N ALA A 7 9.27 4.29 28.67
CA ALA A 7 8.44 3.78 27.58
C ALA A 7 9.14 3.94 26.24
N ILE A 8 9.82 5.06 26.01
CA ILE A 8 10.46 5.26 24.71
C ILE A 8 11.71 4.40 24.61
N TYR A 9 12.38 4.14 25.72
CA TYR A 9 13.53 3.23 25.70
C TYR A 9 13.08 1.80 25.46
N SER A 10 12.03 1.36 26.17
CA SER A 10 11.47 0.05 25.92
C SER A 10 11.07 -0.10 24.45
N PHE A 11 10.50 0.95 23.85
CA PHE A 11 9.97 0.84 22.51
C PHE A 11 11.07 0.59 21.48
N TRP A 12 12.19 1.30 21.59
CA TRP A 12 13.26 1.09 20.62
C TRP A 12 13.83 -0.32 20.74
N ILE A 13 13.76 -0.90 21.93
CA ILE A 13 14.23 -2.28 22.07
C ILE A 13 13.24 -3.23 21.43
N PHE A 14 11.94 -3.01 21.68
CA PHE A 14 10.92 -3.81 21.00
C PHE A 14 11.07 -3.71 19.49
N LEU A 15 11.30 -2.49 18.98
CA LEU A 15 11.34 -2.30 17.53
C LEU A 15 12.53 -3.00 16.90
N ALA A 16 13.69 -2.99 17.57
CA ALA A 16 14.83 -3.77 17.08
C ALA A 16 14.50 -5.26 17.02
N GLY A 17 13.81 -5.78 18.04
CA GLY A 17 13.42 -7.18 18.01
C GLY A 17 12.40 -7.48 16.92
N LEU A 18 11.48 -6.54 16.69
CA LEU A 18 10.49 -6.71 15.63
C LEU A 18 11.16 -6.76 14.26
N ILE A 19 12.14 -5.87 14.03
CA ILE A 19 12.78 -5.82 12.73
C ILE A 19 13.60 -7.07 12.50
N TYR A 20 14.24 -7.57 13.56
CA TYR A 20 14.97 -8.83 13.46
C TYR A 20 14.04 -9.96 13.08
N TYR A 21 12.93 -10.10 13.81
CA TYR A 21 11.92 -11.10 13.47
C TYR A 21 11.44 -10.96 12.03
N LEU A 22 11.14 -9.72 11.58
CA LEU A 22 10.57 -9.53 10.26
C LEU A 22 11.57 -9.88 9.16
N GLN A 23 12.80 -9.45 9.32
CA GLN A 23 13.83 -9.75 8.33
C GLN A 23 14.09 -11.26 8.25
N THR A 24 14.20 -11.94 9.40
CA THR A 24 14.41 -13.39 9.34
C THR A 24 13.19 -14.11 8.76
N GLU A 25 11.97 -13.60 9.04
CA GLU A 25 10.77 -14.18 8.43
C GLU A 25 10.83 -14.10 6.91
N ASN A 26 11.43 -13.04 6.38
CA ASN A 26 11.52 -12.81 4.94
C ASN A 26 12.71 -13.51 4.31
N MET A 27 13.35 -14.41 5.07
CA MET A 27 14.41 -15.25 4.54
C MET A 27 13.94 -16.69 4.34
N ARG A 28 12.63 -16.94 4.41
CA ARG A 28 12.15 -18.29 4.20
C ARG A 28 12.14 -18.70 2.74
N GLU A 29 12.55 -17.82 1.81
CA GLU A 29 12.73 -18.19 0.42
C GLU A 29 14.01 -17.57 -0.10
N GLY A 30 14.72 -18.31 -0.97
CA GLY A 30 15.87 -17.79 -1.67
C GLY A 30 17.19 -17.88 -0.91
N TYR A 31 17.16 -18.29 0.36
CA TYR A 31 18.32 -18.36 1.24
C TYR A 31 18.61 -19.81 1.57
N PRO A 32 19.89 -20.18 1.84
CA PRO A 32 21.12 -19.37 1.85
C PRO A 32 21.49 -18.77 0.50
N LEU A 33 22.17 -17.63 0.51
CA LEU A 33 22.67 -17.02 -0.70
C LEU A 33 23.67 -17.94 -1.38
N GLU A 34 23.85 -17.74 -2.69
CA GLU A 34 24.67 -18.60 -3.52
C GLU A 34 25.65 -17.77 -4.33
N ASN A 35 26.78 -18.39 -4.67
CA ASN A 35 27.63 -17.83 -5.69
C ASN A 35 26.98 -18.04 -7.06
N GLU A 36 27.48 -17.31 -8.07
CA GLU A 36 26.94 -17.45 -9.42
C GLU A 36 27.01 -18.88 -9.92
N ASP A 37 27.87 -19.72 -9.33
CA ASP A 37 27.99 -21.11 -9.74
C ASP A 37 27.10 -22.04 -8.92
N GLY A 38 26.26 -21.51 -8.02
CA GLY A 38 25.33 -22.32 -7.27
C GLY A 38 25.81 -22.87 -5.95
N THR A 39 27.07 -22.67 -5.60
CA THR A 39 27.54 -23.11 -4.30
C THR A 39 27.16 -22.08 -3.24
N PRO A 40 27.09 -22.49 -1.97
CA PRO A 40 26.79 -21.53 -0.89
C PRO A 40 27.79 -20.38 -0.82
N ALA A 41 27.27 -19.16 -0.77
CA ALA A 41 28.14 -18.00 -0.64
C ALA A 41 28.73 -17.94 0.78
N ALA A 42 29.89 -17.29 0.88
CA ALA A 42 30.56 -17.18 2.16
C ALA A 42 29.85 -16.19 3.08
N ASN A 43 29.48 -15.03 2.57
CA ASN A 43 28.81 -14.01 3.37
C ASN A 43 27.29 -14.18 3.26
N GLN A 44 26.68 -14.67 4.34
CA GLN A 44 25.24 -14.86 4.42
C GLN A 44 24.51 -13.67 5.04
N GLY A 45 25.24 -12.69 5.58
CA GLY A 45 24.62 -11.57 6.25
C GLY A 45 24.52 -11.77 7.75
N PRO A 46 24.09 -10.74 8.47
CA PRO A 46 24.03 -10.83 9.93
C PRO A 46 22.79 -11.53 10.49
N PHE A 47 21.80 -11.89 9.64
CA PHE A 47 20.59 -12.56 10.11
C PHE A 47 20.66 -14.06 9.85
N PRO A 48 20.38 -14.89 10.84
CA PRO A 48 20.34 -16.33 10.60
C PRO A 48 18.99 -16.77 10.06
N LEU A 49 19.00 -17.91 9.38
CA LEU A 49 17.77 -18.49 8.87
C LEU A 49 16.82 -18.77 10.03
N PRO A 50 15.52 -18.56 9.86
CA PRO A 50 14.58 -18.85 10.94
C PRO A 50 14.34 -20.35 11.06
N LYS A 51 13.77 -20.73 12.20
CA LYS A 51 13.30 -22.10 12.37
C LYS A 51 12.24 -22.41 11.31
N PRO A 52 12.24 -23.61 10.75
CA PRO A 52 11.28 -23.93 9.67
C PRO A 52 9.84 -23.87 10.17
N LYS A 53 8.95 -23.56 9.24
CA LYS A 53 7.52 -23.67 9.47
C LYS A 53 6.95 -24.55 8.38
N THR A 54 5.77 -25.12 8.62
CA THR A 54 5.15 -25.99 7.63
C THR A 54 3.74 -25.51 7.33
N PHE A 55 3.48 -25.25 6.05
CA PHE A 55 2.14 -24.93 5.57
C PHE A 55 1.44 -26.23 5.18
N ILE A 56 0.21 -26.41 5.66
CA ILE A 56 -0.59 -27.58 5.31
C ILE A 56 -1.48 -27.20 4.13
N LEU A 57 -1.20 -27.77 2.97
CA LEU A 57 -1.95 -27.41 1.78
C LEU A 57 -3.30 -28.13 1.75
N PRO A 58 -4.33 -27.48 1.22
CA PRO A 58 -5.65 -28.13 1.16
C PRO A 58 -5.73 -29.14 0.01
N HIS A 59 -6.76 -29.99 0.11
CA HIS A 59 -7.11 -30.94 -0.96
C HIS A 59 -6.00 -31.96 -1.21
N GLY A 60 -5.34 -32.41 -0.14
CA GLY A 60 -4.34 -33.45 -0.30
C GLY A 60 -3.11 -33.05 -1.10
N ARG A 61 -2.89 -31.75 -1.32
CA ARG A 61 -1.74 -31.28 -2.09
C ARG A 61 -0.43 -31.40 -1.30
N GLY A 62 -0.47 -31.77 -0.03
CA GLY A 62 0.77 -31.97 0.69
C GLY A 62 1.08 -30.84 1.65
N THR A 63 2.37 -30.54 1.82
CA THR A 63 2.81 -29.48 2.70
C THR A 63 3.97 -28.74 2.04
N LEU A 64 4.31 -27.60 2.63
CA LEU A 64 5.49 -26.83 2.26
C LEU A 64 6.21 -26.45 3.55
N THR A 65 7.47 -26.80 3.63
CA THR A 65 8.29 -26.46 4.79
C THR A 65 9.34 -25.47 4.32
N VAL A 66 9.39 -24.32 4.98
CA VAL A 66 10.34 -23.27 4.60
C VAL A 66 10.94 -22.70 5.88
N PRO A 67 12.22 -22.35 5.90
CA PRO A 67 13.16 -22.60 4.78
C PRO A 67 13.44 -24.09 4.59
N GLY A 68 13.87 -24.44 3.39
CA GLY A 68 14.15 -25.81 3.02
C GLY A 68 15.12 -25.84 1.86
N PRO A 69 15.56 -27.04 1.47
CA PRO A 69 16.56 -27.14 0.38
C PRO A 69 16.05 -26.50 -0.90
N GLU A 70 16.75 -25.46 -1.35
CA GLU A 70 16.38 -24.74 -2.55
C GLU A 70 17.01 -25.39 -3.76
N SER A 71 16.22 -25.57 -4.81
CA SER A 71 16.78 -26.01 -6.07
C SER A 71 15.93 -25.47 -7.22
N GLU A 72 16.61 -25.05 -8.31
CA GLU A 72 15.90 -24.52 -9.46
C GLU A 72 15.07 -25.59 -10.17
N ASP A 73 15.50 -26.86 -10.12
CA ASP A 73 14.79 -27.99 -10.71
C ASP A 73 14.57 -27.83 -12.20
N ARG A 74 15.49 -27.16 -12.90
CA ARG A 74 15.40 -26.98 -14.35
C ARG A 74 16.75 -26.49 -14.86
N PRO A 75 17.10 -26.79 -16.11
CA PRO A 75 18.35 -26.24 -16.67
C PRO A 75 18.21 -24.76 -17.00
N ILE A 76 19.31 -24.02 -16.77
CA ILE A 76 19.35 -22.57 -16.99
CA ILE A 76 19.37 -22.57 -16.97
C ILE A 76 20.40 -22.32 -18.08
N ALA A 77 19.93 -21.95 -19.27
CA ALA A 77 20.81 -21.81 -20.43
C ALA A 77 21.46 -20.43 -20.48
N LEU A 78 22.37 -20.20 -19.53
CA LEU A 78 23.12 -18.95 -19.42
C LEU A 78 24.61 -19.26 -19.16
N ALA A 79 25.48 -18.34 -19.58
CA ALA A 79 26.91 -18.47 -19.29
C ALA A 79 27.50 -17.12 -18.91
N ARG A 80 28.55 -17.17 -18.09
CA ARG A 80 29.25 -15.94 -17.68
C ARG A 80 29.74 -15.16 -18.89
N THR A 81 29.81 -13.84 -18.72
CA THR A 81 30.42 -12.94 -19.69
C THR A 81 31.67 -12.26 -19.15
N ALA A 82 32.10 -12.58 -17.94
CA ALA A 82 33.22 -11.93 -17.29
C ALA A 82 33.99 -12.98 -16.49
N VAL A 83 35.19 -12.61 -16.02
CA VAL A 83 36.00 -13.52 -15.23
C VAL A 83 35.83 -13.29 -13.74
N SER A 84 35.03 -12.32 -13.32
CA SER A 84 34.75 -12.07 -11.91
C SER A 84 33.25 -11.95 -11.69
N GLU A 85 32.84 -11.96 -10.41
CA GLU A 85 31.43 -11.93 -10.07
CA GLU A 85 31.44 -11.91 -10.03
C GLU A 85 30.82 -10.56 -10.40
N GLY A 86 29.50 -10.56 -10.54
CA GLY A 86 28.73 -9.34 -10.64
C GLY A 86 28.37 -8.87 -12.03
N PHE A 87 28.69 -9.65 -13.06
CA PHE A 87 28.37 -9.21 -14.40
C PHE A 87 27.18 -10.00 -14.96
N PRO A 88 26.57 -9.52 -16.04
CA PRO A 88 25.44 -10.27 -16.61
C PRO A 88 25.86 -11.62 -17.13
N HIS A 89 24.86 -12.48 -17.33
CA HIS A 89 25.06 -13.82 -17.86
C HIS A 89 24.29 -13.91 -19.16
N ALA A 90 25.00 -14.30 -20.22
CA ALA A 90 24.45 -14.28 -21.58
C ALA A 90 23.70 -15.57 -21.87
N PRO A 91 22.52 -15.47 -22.48
CA PRO A 91 21.83 -16.67 -22.96
C PRO A 91 22.70 -17.45 -23.93
N THR A 92 22.77 -18.76 -23.72
CA THR A 92 23.51 -19.64 -24.60
C THR A 92 22.73 -20.09 -25.82
N GLY A 93 21.41 -19.90 -25.85
CA GLY A 93 20.61 -20.09 -27.05
C GLY A 93 19.58 -18.99 -27.28
N ASP A 94 18.33 -19.37 -27.55
CA ASP A 94 17.24 -18.41 -27.69
C ASP A 94 16.60 -18.23 -26.32
N PRO A 95 16.72 -17.04 -25.68
CA PRO A 95 16.25 -16.92 -24.28
C PRO A 95 14.73 -17.00 -24.13
N MET A 96 13.97 -16.64 -25.16
CA MET A 96 12.52 -16.88 -25.13
C MET A 96 12.22 -18.37 -25.11
N LYS A 97 12.86 -19.15 -25.98
CA LYS A 97 12.66 -20.60 -25.99
C LYS A 97 13.22 -21.24 -24.73
N ASP A 98 14.37 -20.74 -24.23
CA ASP A 98 15.00 -21.34 -23.06
C ASP A 98 14.44 -20.84 -21.73
N GLY A 99 13.59 -19.81 -21.74
CA GLY A 99 13.01 -19.34 -20.49
C GLY A 99 14.00 -18.77 -19.51
N VAL A 100 14.83 -17.81 -19.95
CA VAL A 100 15.74 -17.09 -19.06
C VAL A 100 15.54 -15.59 -19.26
N GLY A 101 16.18 -14.80 -18.38
CA GLY A 101 16.01 -13.38 -18.42
C GLY A 101 14.57 -12.98 -18.09
N PRO A 102 14.07 -11.93 -18.74
CA PRO A 102 12.66 -11.58 -18.53
C PRO A 102 11.70 -12.65 -19.07
N ALA A 103 12.20 -13.67 -19.75
CA ALA A 103 11.38 -14.79 -20.20
C ALA A 103 11.39 -15.96 -19.24
N SER A 104 11.94 -15.79 -18.03
CA SER A 104 12.09 -16.91 -17.11
C SER A 104 10.74 -17.44 -16.63
N TRP A 105 10.76 -18.68 -16.18
CA TRP A 105 9.64 -19.32 -15.51
C TRP A 105 10.19 -20.13 -14.36
N VAL A 106 9.33 -20.42 -13.40
CA VAL A 106 9.67 -21.25 -12.24
C VAL A 106 8.99 -22.61 -12.41
N ALA A 107 9.67 -23.65 -11.92
CA ALA A 107 9.10 -25.00 -11.90
C ALA A 107 8.09 -25.12 -10.75
N ARG A 108 6.97 -24.44 -10.92
CA ARG A 108 5.85 -24.62 -9.99
C ARG A 108 5.19 -25.99 -10.23
N ARG A 109 4.33 -26.40 -9.29
CA ARG A 109 3.63 -27.66 -9.44
CA ARG A 109 3.56 -27.63 -9.43
C ARG A 109 2.91 -27.72 -10.79
N ASP A 110 3.00 -28.89 -11.43
CA ASP A 110 2.32 -29.16 -12.70
C ASP A 110 0.89 -29.68 -12.49
N LEU A 111 0.14 -28.96 -11.66
CA LEU A 111 -1.29 -29.13 -11.41
C LEU A 111 -1.96 -27.76 -11.44
N PRO A 112 -3.24 -27.70 -11.73
CA PRO A 112 -3.93 -26.41 -11.69
C PRO A 112 -4.13 -25.95 -10.26
N GLU A 113 -4.14 -24.63 -10.07
CA GLU A 113 -4.61 -24.08 -8.80
C GLU A 113 -6.10 -24.44 -8.62
N LEU A 114 -6.47 -24.78 -7.39
CA LEU A 114 -7.82 -25.17 -7.02
C LEU A 114 -8.53 -24.08 -6.22
N ASP A 115 -9.85 -23.96 -6.41
CA ASP A 115 -10.63 -23.06 -5.58
C ASP A 115 -10.91 -23.73 -4.23
N GLY A 116 -11.70 -23.06 -3.38
CA GLY A 116 -11.91 -23.53 -2.03
C GLY A 116 -12.73 -24.80 -1.94
N HIS A 117 -13.47 -25.13 -2.99
CA HIS A 117 -14.26 -26.35 -3.04
C HIS A 117 -13.50 -27.51 -3.68
N GLY A 118 -12.30 -27.25 -4.21
CA GLY A 118 -11.52 -28.29 -4.83
C GLY A 118 -11.65 -28.37 -6.33
N HIS A 119 -12.32 -27.42 -6.96
CA HIS A 119 -12.43 -27.37 -8.41
C HIS A 119 -11.32 -26.50 -9.01
N ASN A 120 -11.00 -26.76 -10.27
CA ASN A 120 -10.02 -25.93 -10.98
C ASN A 120 -10.40 -24.45 -10.92
N LYS A 121 -9.47 -23.63 -10.42
CA LYS A 121 -9.74 -22.21 -10.23
C LYS A 121 -10.02 -21.50 -11.54
N ILE A 122 -9.29 -21.86 -12.59
CA ILE A 122 -9.35 -21.18 -13.89
C ILE A 122 -9.94 -22.12 -14.94
N LYS A 123 -10.98 -21.68 -15.63
CA LYS A 123 -11.63 -22.49 -16.65
C LYS A 123 -11.90 -21.64 -17.87
N PRO A 124 -11.87 -22.23 -19.07
CA PRO A 124 -12.39 -21.52 -20.24
C PRO A 124 -13.86 -21.19 -20.00
N MET A 125 -14.27 -20.00 -20.43
CA MET A 125 -15.60 -19.51 -20.08
C MET A 125 -16.68 -20.42 -20.64
N LYS A 126 -16.46 -20.96 -21.85
CA LYS A 126 -17.43 -21.89 -22.44
C LYS A 126 -17.72 -23.09 -21.53
N ALA A 127 -16.80 -23.44 -20.64
CA ALA A 127 -17.00 -24.57 -19.72
C ALA A 127 -17.35 -24.12 -18.32
N ALA A 128 -17.58 -22.83 -18.13
CA ALA A 128 -17.85 -22.28 -16.80
C ALA A 128 -19.32 -21.92 -16.74
N ALA A 129 -20.09 -22.75 -16.03
CA ALA A 129 -21.54 -22.63 -15.98
C ALA A 129 -21.96 -21.27 -15.46
N GLY A 130 -22.82 -20.58 -16.22
CA GLY A 130 -23.37 -19.32 -15.77
C GLY A 130 -22.51 -18.11 -16.03
N PHE A 131 -21.27 -18.28 -16.49
CA PHE A 131 -20.34 -17.18 -16.63
C PHE A 131 -20.43 -16.54 -18.02
N HIS A 132 -20.42 -15.21 -18.04
CA HIS A 132 -20.56 -14.45 -19.28
C HIS A 132 -19.88 -13.10 -19.09
N VAL A 133 -19.50 -12.50 -20.20
CA VAL A 133 -19.10 -11.09 -20.16
C VAL A 133 -20.25 -10.25 -19.65
N SER A 134 -19.96 -9.36 -18.69
CA SER A 134 -20.99 -8.56 -18.05
C SER A 134 -20.81 -7.06 -18.25
N ALA A 135 -19.68 -6.60 -18.78
CA ALA A 135 -19.40 -5.18 -18.99
C ALA A 135 -18.08 -5.06 -19.75
N GLY A 136 -17.96 -3.97 -20.50
CA GLY A 136 -16.79 -3.76 -21.35
C GLY A 136 -16.98 -4.43 -22.69
N LYS A 137 -16.02 -4.20 -23.58
CA LYS A 137 -16.07 -4.80 -24.91
C LYS A 137 -15.73 -6.29 -24.83
N ASN A 138 -16.66 -7.13 -25.30
CA ASN A 138 -16.41 -8.57 -25.36
C ASN A 138 -15.33 -8.85 -26.40
N PRO A 139 -14.18 -9.42 -26.02
CA PRO A 139 -13.10 -9.64 -27.00
C PRO A 139 -13.27 -10.87 -27.88
N ILE A 140 -14.16 -11.80 -27.53
CA ILE A 140 -14.25 -13.06 -28.29
C ILE A 140 -14.68 -12.75 -29.71
N GLY A 141 -13.87 -13.20 -30.68
CA GLY A 141 -14.09 -12.92 -32.08
C GLY A 141 -13.15 -11.89 -32.67
N LEU A 142 -12.51 -11.08 -31.83
CA LEU A 142 -11.64 -10.02 -32.33
C LEU A 142 -10.35 -10.59 -32.92
N PRO A 143 -9.83 -9.99 -33.99
CA PRO A 143 -8.46 -10.34 -34.42
C PRO A 143 -7.45 -9.86 -33.38
N VAL A 144 -6.33 -10.59 -33.33
CA VAL A 144 -5.25 -10.29 -32.39
C VAL A 144 -4.05 -9.80 -33.19
N ARG A 145 -3.58 -8.59 -32.85
CA ARG A 145 -2.47 -7.97 -33.55
C ARG A 145 -1.26 -7.92 -32.65
N GLY A 146 -0.10 -8.30 -33.19
CA GLY A 146 1.15 -8.24 -32.48
C GLY A 146 1.87 -6.92 -32.71
N CYS A 147 3.05 -6.81 -32.13
CA CYS A 147 3.77 -5.53 -32.17
C CYS A 147 4.41 -5.27 -33.51
N ASP A 148 4.45 -6.24 -34.42
CA ASP A 148 4.82 -5.92 -35.79
C ASP A 148 3.63 -5.44 -36.61
N LEU A 149 2.50 -5.18 -35.97
CA LEU A 149 1.26 -4.71 -36.58
C LEU A 149 0.67 -5.71 -37.56
N GLU A 150 1.05 -6.98 -37.46
CA GLU A 150 0.46 -8.06 -38.23
C GLU A 150 -0.49 -8.87 -37.35
N ILE A 151 -1.47 -9.50 -37.98
CA ILE A 151 -2.49 -10.26 -37.26
C ILE A 151 -1.93 -11.65 -36.94
N ALA A 152 -2.00 -12.04 -35.67
CA ALA A 152 -1.44 -13.31 -35.25
C ALA A 152 -2.51 -14.39 -35.03
N GLY A 153 -3.78 -14.01 -34.99
CA GLY A 153 -4.84 -14.97 -34.73
C GLY A 153 -6.12 -14.26 -34.33
N LYS A 154 -6.97 -14.99 -33.60
CA LYS A 154 -8.30 -14.53 -33.27
C LYS A 154 -8.68 -15.06 -31.90
N VAL A 155 -9.37 -14.23 -31.11
CA VAL A 155 -9.82 -14.65 -29.79
C VAL A 155 -10.98 -15.63 -29.96
N VAL A 156 -10.87 -16.79 -29.32
CA VAL A 156 -11.93 -17.80 -29.36
C VAL A 156 -12.54 -18.07 -27.99
N ASP A 157 -11.95 -17.58 -26.90
CA ASP A 157 -12.59 -17.67 -25.60
C ASP A 157 -11.86 -16.77 -24.61
N ILE A 158 -12.42 -16.69 -23.41
CA ILE A 158 -11.82 -16.04 -22.25
C ILE A 158 -11.65 -17.11 -21.20
N TRP A 159 -10.49 -17.16 -20.56
CA TRP A 159 -10.31 -18.07 -19.43
C TRP A 159 -10.55 -17.27 -18.16
N VAL A 160 -11.48 -17.73 -17.34
CA VAL A 160 -11.98 -16.95 -16.22
C VAL A 160 -11.60 -17.65 -14.92
N ASP A 161 -11.39 -16.83 -13.90
CA ASP A 161 -11.17 -17.25 -12.52
C ASP A 161 -12.55 -17.41 -11.86
N ILE A 162 -12.97 -18.64 -11.62
CA ILE A 162 -14.34 -18.88 -11.10
C ILE A 162 -14.54 -18.22 -9.74
N PRO A 163 -13.76 -18.53 -8.69
CA PRO A 163 -14.10 -17.96 -7.38
C PRO A 163 -13.95 -16.45 -7.30
N GLU A 164 -13.10 -15.83 -8.10
CA GLU A 164 -12.92 -14.38 -8.02
C GLU A 164 -13.64 -13.64 -9.13
N GLN A 165 -14.20 -14.37 -10.12
CA GLN A 165 -15.02 -13.82 -11.19
C GLN A 165 -14.27 -12.72 -11.94
N MET A 166 -13.13 -13.10 -12.53
CA MET A 166 -12.39 -12.18 -13.41
C MET A 166 -11.79 -12.92 -14.58
N ALA A 167 -11.54 -12.17 -15.64
CA ALA A 167 -10.84 -12.69 -16.80
C ALA A 167 -9.34 -12.76 -16.54
N ARG A 168 -8.74 -13.93 -16.76
CA ARG A 168 -7.31 -14.13 -16.53
C ARG A 168 -6.51 -14.35 -17.81
N PHE A 169 -7.08 -15.00 -18.82
CA PHE A 169 -6.37 -15.17 -20.10
C PHE A 169 -7.35 -15.00 -21.25
N LEU A 170 -6.81 -14.62 -22.41
CA LEU A 170 -7.52 -14.76 -23.68
C LEU A 170 -6.98 -16.00 -24.40
N GLU A 171 -7.89 -16.87 -24.84
CA GLU A 171 -7.51 -17.99 -25.69
C GLU A 171 -7.52 -17.51 -27.13
N VAL A 172 -6.39 -17.66 -27.81
CA VAL A 172 -6.20 -17.12 -29.15
C VAL A 172 -5.94 -18.27 -30.10
N GLU A 173 -6.66 -18.31 -31.21
CA GLU A 173 -6.48 -19.36 -32.21
C GLU A 173 -5.53 -18.87 -33.30
N LEU A 174 -4.50 -19.65 -33.59
CA LEU A 174 -3.49 -19.30 -34.58
C LEU A 174 -3.86 -19.82 -35.96
N LYS A 175 -3.09 -19.40 -36.97
CA LYS A 175 -3.40 -19.73 -38.35
C LYS A 175 -3.51 -21.23 -38.60
N ASP A 176 -2.78 -22.04 -37.83
CA ASP A 176 -2.78 -23.49 -38.01
C ASP A 176 -3.91 -24.19 -37.26
N GLY A 177 -4.79 -23.45 -36.61
CA GLY A 177 -5.91 -24.04 -35.90
C GLY A 177 -5.68 -24.35 -34.44
N SER A 178 -4.44 -24.35 -33.96
CA SER A 178 -4.22 -24.54 -32.53
C SER A 178 -4.40 -23.20 -31.79
N THR A 179 -4.54 -23.28 -30.47
CA THR A 179 -4.72 -22.08 -29.66
C THR A 179 -3.55 -21.90 -28.69
N ARG A 180 -3.44 -20.67 -28.18
CA ARG A 180 -2.54 -20.32 -27.09
C ARG A 180 -3.29 -19.45 -26.08
N LEU A 181 -2.82 -19.47 -24.84
CA LEU A 181 -3.29 -18.52 -23.84
C LEU A 181 -2.39 -17.28 -23.83
N LEU A 182 -3.02 -16.11 -23.72
CA LEU A 182 -2.38 -14.82 -23.54
C LEU A 182 -2.81 -14.23 -22.20
N PRO A 183 -1.88 -13.81 -21.35
CA PRO A 183 -2.27 -13.18 -20.08
C PRO A 183 -3.13 -11.95 -20.32
N MET A 184 -4.20 -11.83 -19.52
CA MET A 184 -5.14 -10.72 -19.68
C MET A 184 -4.46 -9.38 -19.38
N GLN A 185 -3.45 -9.37 -18.51
CA GLN A 185 -2.75 -8.14 -18.16
C GLN A 185 -1.76 -7.70 -19.23
N MET A 186 -1.64 -8.43 -20.34
CA MET A 186 -0.67 -8.12 -21.38
C MET A 186 -1.31 -7.87 -22.74
N VAL A 187 -2.63 -7.65 -22.75
CA VAL A 187 -3.34 -7.37 -23.99
C VAL A 187 -4.15 -6.10 -23.80
N LYS A 188 -4.38 -5.40 -24.90
CA LYS A 188 -5.20 -4.19 -24.91
C LYS A 188 -6.42 -4.50 -25.77
N VAL A 189 -7.59 -4.56 -25.15
CA VAL A 189 -8.84 -4.78 -25.88
C VAL A 189 -9.28 -3.45 -26.48
N GLN A 190 -9.28 -3.35 -27.81
CA GLN A 190 -9.77 -2.19 -28.54
C GLN A 190 -11.10 -2.53 -29.22
N SER A 191 -11.69 -1.52 -29.86
CA SER A 191 -13.01 -1.71 -30.44
C SER A 191 -12.98 -2.72 -31.59
N ASN A 192 -11.89 -2.76 -32.36
CA ASN A 192 -11.80 -3.59 -33.54
C ASN A 192 -10.66 -4.62 -33.48
N ARG A 193 -9.98 -4.75 -32.35
CA ARG A 193 -8.87 -5.70 -32.27
C ARG A 193 -8.44 -5.85 -30.82
N VAL A 194 -7.64 -6.88 -30.57
CA VAL A 194 -6.85 -7.00 -29.37
C VAL A 194 -5.39 -6.78 -29.79
N HIS A 195 -4.75 -5.77 -29.23
CA HIS A 195 -3.36 -5.49 -29.53
C HIS A 195 -2.44 -6.01 -28.43
N VAL A 196 -1.33 -6.63 -28.85
CA VAL A 196 -0.36 -7.26 -27.93
C VAL A 196 0.99 -6.64 -28.25
N ASN A 197 1.42 -5.71 -27.40
CA ASN A 197 2.70 -5.03 -27.60
C ASN A 197 3.87 -5.97 -27.35
N ALA A 198 3.70 -6.95 -26.45
CA ALA A 198 4.83 -7.76 -26.02
C ALA A 198 5.37 -8.65 -27.12
N LEU A 199 4.54 -9.08 -28.10
CA LEU A 199 4.97 -10.09 -29.04
C LEU A 199 4.70 -9.68 -30.48
N SER A 200 5.64 -9.99 -31.35
CA SER A 200 5.40 -9.91 -32.79
C SER A 200 4.62 -11.14 -33.24
N SER A 201 3.92 -11.00 -34.38
CA SER A 201 3.01 -12.06 -34.84
C SER A 201 3.74 -13.38 -35.00
N ASP A 202 4.98 -13.34 -35.49
CA ASP A 202 5.77 -14.55 -35.71
C ASP A 202 6.18 -15.26 -34.42
N LEU A 203 5.98 -14.67 -33.25
CA LEU A 203 6.37 -15.30 -32.00
C LEU A 203 5.20 -15.97 -31.30
N PHE A 204 3.98 -15.82 -31.83
CA PHE A 204 2.83 -16.40 -31.15
C PHE A 204 2.88 -17.92 -31.15
N ALA A 205 3.43 -18.52 -32.21
CA ALA A 205 3.49 -19.98 -32.27
C ALA A 205 4.35 -20.55 -31.15
N GLY A 206 5.40 -19.82 -30.73
CA GLY A 206 6.30 -20.26 -29.68
C GLY A 206 5.76 -20.15 -28.26
N ILE A 207 4.65 -19.47 -28.04
CA ILE A 207 4.02 -19.46 -26.72
C ILE A 207 3.84 -20.90 -26.24
N PRO A 208 4.29 -21.24 -25.04
CA PRO A 208 4.16 -22.62 -24.57
C PRO A 208 2.71 -23.08 -24.52
N THR A 209 2.46 -24.29 -24.99
CA THR A 209 1.11 -24.82 -25.06
C THR A 209 0.75 -25.52 -23.75
N ILE A 210 -0.55 -25.68 -23.54
CA ILE A 210 -1.03 -26.44 -22.39
C ILE A 210 -1.48 -27.81 -22.90
N LYS A 211 -1.46 -28.75 -21.99
CA LYS A 211 -1.74 -30.15 -22.24
C LYS A 211 -3.20 -30.52 -22.37
N SER A 212 -4.01 -29.95 -21.57
CA SER A 212 -5.46 -30.15 -21.53
C SER A 212 -6.19 -28.90 -22.01
N PRO A 213 -7.23 -29.04 -22.83
CA PRO A 213 -7.92 -27.86 -23.35
C PRO A 213 -8.85 -27.18 -22.36
N THR A 214 -9.11 -27.78 -21.20
CA THR A 214 -10.05 -27.22 -20.25
C THR A 214 -9.41 -26.85 -18.92
N GLU A 215 -8.09 -26.89 -18.81
CA GLU A 215 -7.43 -26.51 -17.56
C GLU A 215 -6.02 -26.10 -17.90
N VAL A 216 -5.40 -25.37 -16.98
CA VAL A 216 -4.02 -24.93 -17.14
C VAL A 216 -3.35 -25.09 -15.79
N THR A 217 -2.14 -25.63 -15.79
CA THR A 217 -1.44 -25.88 -14.54
C THR A 217 -0.59 -24.66 -14.15
N LEU A 218 -0.23 -24.60 -12.87
CA LEU A 218 0.63 -23.52 -12.39
C LEU A 218 1.93 -23.46 -13.18
N LEU A 219 2.50 -24.62 -13.49
CA LEU A 219 3.71 -24.66 -14.29
C LEU A 219 3.47 -24.09 -15.68
N GLU A 220 2.32 -24.44 -16.28
CA GLU A 220 2.01 -23.94 -17.62
C GLU A 220 1.76 -22.44 -17.60
N GLU A 221 1.12 -21.93 -16.55
CA GLU A 221 0.88 -20.48 -16.47
C GLU A 221 2.20 -19.72 -16.38
N ASP A 222 3.15 -20.23 -15.58
CA ASP A 222 4.44 -19.55 -15.47
C ASP A 222 5.18 -19.53 -16.80
N LYS A 223 5.12 -20.62 -17.56
CA LYS A 223 5.80 -20.63 -18.85
C LYS A 223 5.11 -19.70 -19.84
N ILE A 224 3.79 -19.67 -19.84
CA ILE A 224 3.07 -18.73 -20.69
C ILE A 224 3.41 -17.29 -20.30
N CYS A 225 3.22 -16.96 -19.02
CA CYS A 225 3.37 -15.55 -18.64
C CYS A 225 4.82 -15.07 -18.80
N GLY A 226 5.79 -15.91 -18.42
CA GLY A 226 7.19 -15.54 -18.60
C GLY A 226 7.54 -15.33 -20.06
N TYR A 227 7.07 -16.22 -20.92
CA TYR A 227 7.35 -16.08 -22.36
C TYR A 227 6.80 -14.77 -22.90
N VAL A 228 5.53 -14.46 -22.62
CA VAL A 228 4.93 -13.25 -23.16
C VAL A 228 5.65 -12.00 -22.63
N ALA A 229 5.93 -11.96 -21.33
CA ALA A 229 6.68 -10.83 -20.79
C ALA A 229 8.08 -10.74 -21.39
N GLY A 230 8.70 -11.89 -21.70
CA GLY A 230 10.02 -11.86 -22.30
C GLY A 230 10.07 -11.12 -23.62
N GLY A 231 8.98 -11.12 -24.38
CA GLY A 231 8.96 -10.45 -25.67
C GLY A 231 9.19 -8.94 -25.60
N LEU A 232 8.85 -8.33 -24.46
CA LEU A 232 9.09 -6.90 -24.31
C LEU A 232 10.56 -6.59 -24.56
N MET A 233 11.46 -7.33 -23.92
CA MET A 233 12.89 -7.20 -24.23
C MET A 233 13.24 -7.84 -25.57
N TYR A 234 12.84 -9.10 -25.79
CA TYR A 234 13.45 -9.87 -26.87
C TYR A 234 12.74 -9.72 -28.23
N ALA A 235 11.55 -9.14 -28.28
CA ALA A 235 10.91 -8.88 -29.56
C ALA A 235 11.10 -7.44 -30.02
N ALA A 236 11.94 -6.66 -29.33
CA ALA A 236 12.10 -5.25 -29.69
C ALA A 236 12.62 -5.00 -31.09
N PRO A 237 13.46 -5.87 -31.69
CA PRO A 237 13.79 -5.68 -33.11
C PRO A 237 12.59 -5.73 -34.06
N LYS A 238 11.46 -6.32 -33.65
CA LYS A 238 10.29 -6.41 -34.50
C LYS A 238 9.15 -5.50 -34.06
N ARG A 239 9.38 -4.61 -33.10
CA ARG A 239 8.33 -3.74 -32.55
C ARG A 239 8.38 -2.39 -33.27
N LYS A 240 7.39 -2.14 -34.12
CA LYS A 240 7.37 -0.92 -34.93
C LYS A 240 7.03 0.30 -34.09
N SER A 241 6.95 1.45 -34.76
CA SER A 241 6.70 2.76 -34.15
C SER A 241 7.75 3.08 -33.10
N ALA B 1 26.81 -12.18 -3.70
CA ALA B 1 25.98 -13.36 -3.49
C ALA B 1 24.59 -13.18 -4.11
N LEU B 2 23.98 -14.28 -4.54
CA LEU B 2 22.69 -14.24 -5.22
C LEU B 2 21.67 -15.02 -4.43
N LEU B 3 20.41 -14.58 -4.51
CA LEU B 3 19.34 -15.45 -4.05
C LEU B 3 19.41 -16.76 -4.84
N SER B 4 18.92 -17.83 -4.22
CA SER B 4 19.02 -19.15 -4.86
C SER B 4 18.38 -19.17 -6.25
N PHE B 5 17.38 -18.30 -6.49
CA PHE B 5 16.65 -18.33 -7.75
C PHE B 5 17.04 -17.20 -8.68
N GLU B 6 18.10 -16.48 -8.34
CA GLU B 6 18.35 -15.18 -8.97
C GLU B 6 19.13 -15.25 -10.29
N ARG B 7 20.03 -16.23 -10.47
CA ARG B 7 20.96 -16.13 -11.60
C ARG B 7 20.24 -16.06 -12.95
N LYS B 8 19.14 -16.82 -13.11
CA LYS B 8 18.46 -16.84 -14.41
C LYS B 8 17.94 -15.46 -14.83
N TYR B 9 17.78 -14.53 -13.88
CA TYR B 9 17.28 -13.21 -14.24
C TYR B 9 18.38 -12.21 -14.58
N ARG B 10 19.64 -12.53 -14.29
CA ARG B 10 20.74 -11.57 -14.40
C ARG B 10 21.32 -11.61 -15.82
N VAL B 11 20.50 -11.21 -16.77
CA VAL B 11 20.90 -11.25 -18.17
C VAL B 11 21.24 -9.83 -18.60
N PRO B 12 21.91 -9.65 -19.75
CA PRO B 12 22.14 -8.30 -20.27
C PRO B 12 20.84 -7.65 -20.73
N GLY B 13 20.80 -6.32 -20.68
CA GLY B 13 19.78 -5.56 -21.38
C GLY B 13 18.85 -4.83 -20.42
N GLY B 14 18.09 -3.92 -21.02
CA GLY B 14 17.12 -3.10 -20.32
C GLY B 14 17.59 -1.69 -20.02
N THR B 15 18.87 -1.39 -20.19
CA THR B 15 19.36 -0.06 -19.86
C THR B 15 18.74 0.99 -20.74
N LEU B 16 18.56 2.18 -20.17
CA LEU B 16 18.10 3.34 -20.91
C LEU B 16 19.24 4.19 -21.46
N VAL B 17 20.38 4.21 -20.77
CA VAL B 17 21.53 5.02 -21.16
C VAL B 17 22.78 4.18 -21.00
N GLY B 18 23.68 4.28 -21.97
CA GLY B 18 25.01 3.72 -21.82
C GLY B 18 25.22 2.32 -22.32
N GLY B 19 24.20 1.71 -22.95
CA GLY B 19 24.34 0.34 -23.43
C GLY B 19 24.73 -0.60 -22.29
N ASN B 20 25.78 -1.38 -22.50
CA ASN B 20 26.25 -2.32 -21.50
C ASN B 20 27.36 -1.75 -20.60
N LEU B 21 27.66 -0.46 -20.74
N LEU B 21 27.66 -0.46 -20.74
CA LEU B 21 28.78 0.13 -20.00
CA LEU B 21 28.77 0.14 -20.00
C LEU B 21 28.66 -0.06 -18.50
C LEU B 21 28.65 -0.07 -18.50
N PHE B 22 27.46 0.16 -17.95
CA PHE B 22 27.23 0.05 -16.51
C PHE B 22 26.28 -1.10 -16.16
N ASP B 23 26.04 -2.00 -17.10
CA ASP B 23 25.10 -3.12 -16.91
C ASP B 23 25.78 -4.20 -16.05
N PHE B 24 25.75 -4.00 -14.74
CA PHE B 24 26.33 -4.97 -13.82
C PHE B 24 25.86 -4.65 -12.40
N TRP B 25 26.22 -5.54 -11.47
CA TRP B 25 25.81 -5.46 -10.08
C TRP B 25 27.00 -5.24 -9.15
N VAL B 26 26.73 -4.68 -7.96
CA VAL B 26 27.68 -4.64 -6.86
C VAL B 26 27.01 -5.34 -5.67
N GLY B 27 27.41 -6.57 -5.37
CA GLY B 27 26.69 -7.39 -4.44
C GLY B 27 25.26 -7.53 -4.92
N PRO B 28 24.28 -7.22 -4.06
CA PRO B 28 22.87 -7.29 -4.49
C PRO B 28 22.45 -6.15 -5.40
N PHE B 29 23.16 -5.02 -5.39
CA PHE B 29 22.67 -3.79 -6.00
C PHE B 29 22.93 -3.79 -7.50
N TYR B 30 21.88 -3.53 -8.27
CA TYR B 30 22.09 -3.20 -9.66
C TYR B 30 22.65 -1.79 -9.77
N VAL B 31 23.54 -1.58 -10.74
CA VAL B 31 24.15 -0.28 -10.95
C VAL B 31 23.46 0.44 -12.10
N GLY B 32 23.92 0.20 -13.31
CA GLY B 32 23.43 0.95 -14.46
C GLY B 32 23.90 2.39 -14.46
N PHE B 33 23.61 3.14 -15.52
CA PHE B 33 24.06 4.53 -15.59
C PHE B 33 23.45 5.36 -14.47
N PHE B 34 22.18 5.11 -14.14
CA PHE B 34 21.52 5.91 -13.12
C PHE B 34 21.92 5.48 -11.71
N GLY B 35 22.51 4.29 -11.55
CA GLY B 35 23.16 3.99 -10.30
C GLY B 35 24.41 4.83 -10.11
N VAL B 36 25.21 4.99 -11.17
CA VAL B 36 26.38 5.88 -11.11
C VAL B 36 25.92 7.31 -10.83
N ALA B 37 24.87 7.76 -11.53
CA ALA B 37 24.35 9.11 -11.31
C ALA B 37 23.90 9.28 -9.86
N THR B 38 23.08 8.35 -9.36
CA THR B 38 22.59 8.43 -7.98
C THR B 38 23.75 8.52 -7.00
N PHE B 39 24.78 7.70 -7.20
CA PHE B 39 25.91 7.71 -6.29
C PHE B 39 26.58 9.08 -6.29
N PHE B 40 26.85 9.62 -7.48
CA PHE B 40 27.47 10.93 -7.62
C PHE B 40 26.65 12.00 -6.89
N PHE B 41 25.36 12.13 -7.27
CA PHE B 41 24.51 13.17 -6.67
C PHE B 41 24.43 13.00 -5.16
N ALA B 42 24.19 11.78 -4.69
CA ALA B 42 24.01 11.59 -3.25
C ALA B 42 25.31 11.77 -2.49
N ALA B 43 26.44 11.40 -3.11
CA ALA B 43 27.74 11.59 -2.45
C ALA B 43 28.06 13.07 -2.29
N LEU B 44 27.89 13.84 -3.36
CA LEU B 44 28.19 15.27 -3.28
C LEU B 44 27.25 15.95 -2.30
N GLY B 45 25.95 15.65 -2.38
CA GLY B 45 25.00 16.25 -1.46
C GLY B 45 25.35 15.97 -0.01
N ILE B 46 25.76 14.73 0.29
CA ILE B 46 26.13 14.39 1.66
C ILE B 46 27.44 15.07 2.03
N ILE B 47 28.36 15.22 1.07
CA ILE B 47 29.61 15.94 1.30
C ILE B 47 29.31 17.38 1.70
N LEU B 48 28.45 18.05 0.94
CA LEU B 48 28.11 19.43 1.25
C LEU B 48 27.41 19.55 2.58
N ILE B 49 26.63 18.54 2.99
CA ILE B 49 26.00 18.59 4.30
C ILE B 49 27.06 18.44 5.39
N ALA B 50 28.01 17.52 5.18
CA ALA B 50 29.12 17.38 6.11
C ALA B 50 29.92 18.68 6.19
N TRP B 51 30.04 19.38 5.06
CA TRP B 51 30.71 20.67 5.04
C TRP B 51 29.83 21.75 5.66
N SER B 52 28.64 21.99 5.09
CA SER B 52 27.70 22.97 5.62
C SER B 52 27.41 22.77 7.11
N ALA B 53 27.93 21.67 7.68
CA ALA B 53 27.79 21.47 9.11
C ALA B 53 28.74 22.36 9.90
N VAL B 54 29.97 22.53 9.41
CA VAL B 54 30.96 23.26 10.21
C VAL B 54 30.85 24.76 9.95
N LEU B 55 30.58 25.18 8.71
CA LEU B 55 30.18 26.56 8.47
C LEU B 55 29.05 26.99 9.40
N GLN B 56 28.25 26.03 9.87
CA GLN B 56 27.27 26.23 10.93
C GLN B 56 27.85 25.97 12.32
N GLY B 57 28.74 24.97 12.45
CA GLY B 57 29.48 24.79 13.68
C GLY B 57 29.55 23.39 14.28
N THR B 58 28.57 22.54 14.00
CA THR B 58 28.35 21.33 14.78
C THR B 58 28.57 20.06 13.97
N TRP B 59 28.57 18.92 14.69
CA TRP B 59 28.61 17.58 14.12
C TRP B 59 27.62 16.63 14.78
N ASN B 60 26.53 17.15 15.36
CA ASN B 60 25.52 16.29 15.96
C ASN B 60 24.35 16.17 15.01
N PRO B 61 23.87 14.95 14.71
CA PRO B 61 22.77 14.81 13.73
C PRO B 61 21.51 15.56 14.13
N GLN B 62 21.19 15.62 15.43
CA GLN B 62 20.01 16.34 15.88
C GLN B 62 20.15 17.86 15.82
N LEU B 63 21.33 18.39 15.50
CA LEU B 63 21.48 19.84 15.35
C LEU B 63 21.94 20.28 13.97
N ILE B 64 22.65 19.43 13.22
CA ILE B 64 23.04 19.83 11.87
C ILE B 64 21.79 20.28 11.11
N SER B 65 21.86 21.44 10.47
CA SER B 65 20.67 21.92 9.75
C SER B 65 21.10 22.88 8.68
N VAL B 66 20.81 22.56 7.43
CA VAL B 66 21.17 23.38 6.28
C VAL B 66 19.94 24.23 5.93
N TYR B 67 19.96 25.48 6.34
CA TYR B 67 18.82 26.35 6.08
C TYR B 67 18.92 26.96 4.69
N PRO B 68 17.80 27.24 4.04
CA PRO B 68 17.82 27.87 2.72
C PRO B 68 18.18 29.33 2.83
N PRO B 69 18.40 30.02 1.70
CA PRO B 69 18.65 31.46 1.76
C PRO B 69 17.46 32.20 2.36
N ALA B 70 17.77 33.25 3.13
CA ALA B 70 16.74 34.12 3.68
C ALA B 70 15.93 34.74 2.54
N LEU B 71 14.71 35.17 2.88
CA LEU B 71 13.79 35.67 1.87
C LEU B 71 14.39 36.84 1.10
N GLU B 72 15.26 37.62 1.75
CA GLU B 72 15.84 38.81 1.11
C GLU B 72 16.56 38.45 -0.19
N TYR B 73 17.15 37.25 -0.27
CA TYR B 73 17.81 36.82 -1.50
C TYR B 73 16.82 36.53 -2.64
N GLY B 74 15.52 36.55 -2.38
CA GLY B 74 14.55 36.22 -3.43
C GLY B 74 14.79 34.83 -4.00
N LEU B 75 14.74 34.74 -5.34
CA LEU B 75 15.00 33.52 -6.09
C LEU B 75 16.42 33.45 -6.63
N GLY B 76 17.36 34.20 -6.07
CA GLY B 76 18.70 34.25 -6.60
C GLY B 76 19.67 33.38 -5.82
N GLY B 77 20.91 33.35 -6.29
CA GLY B 77 21.96 32.66 -5.58
C GLY B 77 22.21 33.28 -4.22
N ALA B 78 22.99 32.56 -3.42
CA ALA B 78 23.32 33.01 -2.09
C ALA B 78 24.69 32.46 -1.70
N PRO B 79 25.44 33.17 -0.88
CA PRO B 79 26.73 32.63 -0.41
C PRO B 79 26.56 31.29 0.27
N LEU B 80 27.57 30.43 0.08
CA LEU B 80 27.50 29.05 0.53
C LEU B 80 26.99 28.93 1.96
N ALA B 81 27.62 29.66 2.89
CA ALA B 81 27.23 29.55 4.29
C ALA B 81 25.94 30.29 4.58
N LYS B 82 25.42 31.07 3.61
CA LYS B 82 24.20 31.84 3.77
C LYS B 82 23.07 31.33 2.87
N GLY B 83 23.06 30.04 2.57
CA GLY B 83 21.98 29.43 1.81
C GLY B 83 22.36 28.84 0.47
N GLY B 84 23.56 29.11 -0.03
CA GLY B 84 23.95 28.50 -1.30
C GLY B 84 24.23 27.02 -1.16
N LEU B 85 24.70 26.59 0.01
CA LEU B 85 24.88 25.18 0.26
C LEU B 85 23.54 24.44 0.22
N TRP B 86 22.48 25.08 0.73
CA TRP B 86 21.15 24.50 0.64
C TRP B 86 20.71 24.35 -0.80
N GLN B 87 20.97 25.37 -1.61
CA GLN B 87 20.55 25.32 -3.01
C GLN B 87 21.26 24.21 -3.78
N ILE B 88 22.58 24.05 -3.56
CA ILE B 88 23.30 23.00 -4.26
C ILE B 88 22.85 21.62 -3.75
N ILE B 89 22.67 21.48 -2.43
CA ILE B 89 22.21 20.21 -1.87
C ILE B 89 20.85 19.83 -2.45
N THR B 90 19.97 20.83 -2.63
CA THR B 90 18.65 20.57 -3.21
C THR B 90 18.75 20.10 -4.67
N ILE B 91 19.69 20.65 -5.43
CA ILE B 91 19.89 20.16 -6.78
C ILE B 91 20.40 18.72 -6.74
N CYS B 92 21.37 18.44 -5.85
CA CYS B 92 21.86 17.09 -5.68
C CYS B 92 20.74 16.13 -5.30
N ALA B 93 19.85 16.55 -4.40
CA ALA B 93 18.78 15.67 -3.90
C ALA B 93 17.80 15.32 -5.01
N THR B 94 17.35 16.33 -5.77
CA THR B 94 16.54 16.11 -6.97
C THR B 94 17.27 15.20 -7.95
N GLY B 95 18.56 15.42 -8.15
CA GLY B 95 19.32 14.55 -9.02
C GLY B 95 19.35 13.13 -8.52
N ALA B 96 19.56 12.95 -7.21
CA ALA B 96 19.59 11.61 -6.64
C ALA B 96 18.23 10.93 -6.74
N PHE B 97 17.14 11.67 -6.48
CA PHE B 97 15.80 11.07 -6.49
C PHE B 97 15.38 10.66 -7.89
N VAL B 98 15.54 11.56 -8.86
CA VAL B 98 15.14 11.26 -10.23
C VAL B 98 16.00 10.16 -10.82
N SER B 99 17.30 10.16 -10.48
CA SER B 99 18.20 9.11 -10.92
C SER B 99 17.82 7.77 -10.30
N TRP B 100 17.44 7.77 -9.02
CA TRP B 100 16.92 6.55 -8.39
C TRP B 100 15.71 6.02 -9.15
N ALA B 101 14.76 6.89 -9.47
CA ALA B 101 13.57 6.48 -10.19
C ALA B 101 13.92 5.89 -11.56
N LEU B 102 14.85 6.52 -12.29
CA LEU B 102 15.17 6.02 -13.62
C LEU B 102 15.96 4.72 -13.53
N ARG B 103 16.76 4.54 -12.47
CA ARG B 103 17.40 3.26 -12.25
C ARG B 103 16.37 2.18 -11.98
N GLU B 104 15.29 2.52 -11.25
CA GLU B 104 14.19 1.58 -11.06
C GLU B 104 13.58 1.17 -12.39
N VAL B 105 13.38 2.12 -13.30
CA VAL B 105 12.86 1.82 -14.63
C VAL B 105 13.75 0.79 -15.33
N GLU B 106 15.07 0.99 -15.26
CA GLU B 106 15.98 0.04 -15.89
C GLU B 106 15.84 -1.34 -15.26
N ILE B 107 15.69 -1.39 -13.94
CA ILE B 107 15.50 -2.67 -13.28
C ILE B 107 14.19 -3.32 -13.75
N CYS B 108 13.14 -2.51 -13.93
CA CYS B 108 11.86 -3.01 -14.44
C CYS B 108 12.03 -3.64 -15.82
N ARG B 109 12.78 -2.97 -16.70
CA ARG B 109 12.91 -3.46 -18.06
C ARG B 109 13.67 -4.78 -18.10
N LYS B 110 14.73 -4.90 -17.29
CA LYS B 110 15.51 -6.15 -17.27
C LYS B 110 14.67 -7.31 -16.73
N LEU B 111 13.76 -7.05 -15.80
CA LEU B 111 12.93 -8.09 -15.18
C LEU B 111 11.61 -8.33 -15.91
N GLY B 112 11.34 -7.61 -16.99
CA GLY B 112 10.09 -7.74 -17.71
C GLY B 112 8.83 -7.43 -16.90
N ILE B 113 8.92 -6.59 -15.88
CA ILE B 113 7.75 -6.22 -15.07
C ILE B 113 7.29 -4.82 -15.46
N GLY B 114 6.08 -4.46 -15.00
CA GLY B 114 5.54 -3.14 -15.28
C GLY B 114 6.25 -2.04 -14.51
N TYR B 115 6.00 -0.80 -14.95
CA TYR B 115 6.67 0.39 -14.43
C TYR B 115 5.97 1.00 -13.22
N HIS B 116 5.08 0.26 -12.55
CA HIS B 116 4.24 0.89 -11.53
C HIS B 116 5.05 1.48 -10.38
N ILE B 117 6.15 0.85 -10.01
CA ILE B 117 6.88 1.29 -8.80
C ILE B 117 7.53 2.66 -9.03
N PRO B 118 8.38 2.86 -10.05
CA PRO B 118 8.95 4.21 -10.24
C PRO B 118 7.89 5.27 -10.54
N PHE B 119 6.82 4.90 -11.23
CA PHE B 119 5.69 5.81 -11.40
C PHE B 119 5.16 6.27 -10.05
N ALA B 120 5.03 5.34 -9.09
CA ALA B 120 4.54 5.70 -7.76
C ALA B 120 5.55 6.55 -7.02
N PHE B 121 6.83 6.19 -7.08
CA PHE B 121 7.86 6.97 -6.44
C PHE B 121 7.87 8.41 -6.96
N ALA B 122 7.49 8.60 -8.23
CA ALA B 122 7.52 9.92 -8.81
C ALA B 122 6.56 10.86 -8.11
N PHE B 123 5.48 10.32 -7.49
CA PHE B 123 4.57 11.16 -6.71
C PHE B 123 5.26 11.71 -5.48
N ALA B 124 6.09 10.90 -4.81
CA ALA B 124 6.82 11.41 -3.66
C ALA B 124 7.81 12.50 -4.08
N ILE B 125 8.51 12.27 -5.19
CA ILE B 125 9.43 13.26 -5.73
C ILE B 125 8.70 14.57 -5.99
N LEU B 126 7.52 14.49 -6.61
CA LEU B 126 6.80 15.70 -6.95
C LEU B 126 6.30 16.43 -5.70
N ALA B 127 6.00 15.69 -4.61
CA ALA B 127 5.66 16.33 -3.35
C ALA B 127 6.86 17.06 -2.77
N TYR B 128 8.02 16.38 -2.75
CA TYR B 128 9.27 17.04 -2.36
C TYR B 128 9.50 18.32 -3.17
N LEU B 129 9.40 18.21 -4.50
CA LEU B 129 9.66 19.36 -5.35
C LEU B 129 8.60 20.46 -5.15
N THR B 130 7.39 20.10 -4.75
CA THR B 130 6.40 21.12 -4.44
C THR B 130 6.88 21.99 -3.28
N LEU B 131 7.45 21.38 -2.25
CA LEU B 131 7.86 22.15 -1.07
C LEU B 131 9.17 22.92 -1.30
N VAL B 132 10.11 22.40 -2.09
CA VAL B 132 11.41 23.04 -2.23
C VAL B 132 11.54 23.83 -3.54
N LEU B 133 10.63 23.64 -4.49
CA LEU B 133 10.84 24.26 -5.80
C LEU B 133 9.58 24.94 -6.34
N PHE B 134 8.48 24.21 -6.52
CA PHE B 134 7.32 24.83 -7.13
C PHE B 134 6.71 25.90 -6.22
N ARG B 135 6.55 25.60 -4.92
CA ARG B 135 5.93 26.60 -4.06
C ARG B 135 6.85 27.80 -3.82
N PRO B 136 8.13 27.63 -3.46
CA PRO B 136 9.01 28.80 -3.34
C PRO B 136 9.05 29.65 -4.59
N VAL B 137 9.07 29.04 -5.78
CA VAL B 137 9.16 29.82 -7.00
C VAL B 137 7.89 30.65 -7.19
N MET B 138 6.73 30.04 -6.91
CA MET B 138 5.47 30.78 -7.06
C MET B 138 5.32 31.88 -6.01
N MET B 139 5.98 31.72 -4.86
CA MET B 139 5.93 32.69 -3.79
C MET B 139 7.08 33.69 -3.84
N GLY B 140 8.12 33.41 -4.61
CA GLY B 140 9.17 34.36 -4.92
C GLY B 140 10.45 34.27 -4.10
N ALA B 141 10.66 33.21 -3.31
CA ALA B 141 11.89 33.11 -2.54
C ALA B 141 12.14 31.69 -2.07
N TRP B 142 13.37 31.21 -2.25
CA TRP B 142 13.80 29.94 -1.68
C TRP B 142 13.58 29.87 -0.18
N GLY B 143 13.50 31.02 0.51
CA GLY B 143 13.36 31.03 1.96
C GLY B 143 12.06 30.46 2.46
N TYR B 144 11.07 30.29 1.58
CA TYR B 144 9.82 29.63 1.96
C TYR B 144 9.95 28.11 2.02
N ALA B 145 11.00 27.54 1.42
CA ALA B 145 11.27 26.11 1.47
C ALA B 145 11.69 25.70 2.88
N PHE B 146 11.74 24.37 3.11
CA PHE B 146 12.04 23.95 4.46
C PHE B 146 13.53 23.68 4.63
N PRO B 147 14.05 23.78 5.85
CA PRO B 147 15.46 23.50 6.08
C PRO B 147 15.73 22.01 6.23
N TYR B 148 16.95 21.61 5.88
CA TYR B 148 17.36 20.22 5.98
C TYR B 148 17.99 20.01 7.35
N GLY B 149 17.15 19.70 8.31
CA GLY B 149 17.60 19.31 9.64
C GLY B 149 16.49 18.53 10.29
N ILE B 150 16.88 17.55 11.12
CA ILE B 150 15.90 16.60 11.63
C ILE B 150 14.79 17.32 12.38
N TRP B 151 15.15 18.18 13.33
CA TRP B 151 14.16 18.90 14.11
C TRP B 151 13.84 20.27 13.55
N THR B 152 14.75 20.89 12.80
CA THR B 152 14.43 22.20 12.26
C THR B 152 13.33 22.13 11.21
N HIS B 153 13.27 21.05 10.41
CA HIS B 153 12.21 21.04 9.41
C HIS B 153 10.83 20.88 10.05
N LEU B 154 10.76 20.28 11.24
CA LEU B 154 9.50 20.28 11.99
C LEU B 154 9.12 21.70 12.41
N ASP B 155 10.11 22.48 12.89
CA ASP B 155 9.87 23.90 13.16
C ASP B 155 9.20 24.56 11.98
N TRP B 156 9.70 24.28 10.77
CA TRP B 156 9.13 24.87 9.56
C TRP B 156 7.70 24.42 9.33
N VAL B 157 7.40 23.15 9.61
CA VAL B 157 6.02 22.67 9.46
C VAL B 157 5.10 23.46 10.38
N SER B 158 5.50 23.59 11.65
CA SER B 158 4.68 24.28 12.64
C SER B 158 4.52 25.77 12.30
N ASN B 159 5.62 26.44 11.94
CA ASN B 159 5.57 27.87 11.59
C ASN B 159 4.73 28.10 10.34
N THR B 160 4.87 27.23 9.35
CA THR B 160 4.12 27.40 8.11
C THR B 160 2.63 27.18 8.34
N GLY B 161 2.27 26.07 9.00
CA GLY B 161 0.86 25.82 9.29
C GLY B 161 0.21 26.98 10.04
N TYR B 162 0.84 27.43 11.13
CA TYR B 162 0.20 28.41 11.99
C TYR B 162 0.17 29.81 11.39
N THR B 163 0.90 30.04 10.28
CA THR B 163 0.73 31.24 9.47
C THR B 163 -0.69 31.38 8.95
N TYR B 164 -1.44 30.29 8.84
CA TYR B 164 -2.77 30.29 8.28
C TYR B 164 -3.79 29.85 9.32
N GLY B 165 -3.46 30.06 10.59
CA GLY B 165 -4.31 29.57 11.67
C GLY B 165 -4.07 28.09 11.92
N ASN B 166 -5.13 27.41 12.37
CA ASN B 166 -5.13 25.95 12.42
C ASN B 166 -5.16 25.41 10.99
N PHE B 167 -4.06 24.79 10.56
CA PHE B 167 -3.99 24.29 9.19
C PHE B 167 -4.98 23.14 8.94
N HIS B 168 -5.62 22.61 9.99
CA HIS B 168 -6.66 21.61 9.81
C HIS B 168 -7.73 22.06 8.82
N TYR B 169 -7.95 23.37 8.70
CA TYR B 169 -9.09 23.87 7.93
C TYR B 169 -8.79 23.99 6.45
N ASN B 170 -7.59 23.68 6.04
CA ASN B 170 -7.28 23.64 4.62
C ASN B 170 -8.05 22.46 4.04
N PRO B 171 -8.98 22.67 3.10
CA PRO B 171 -9.84 21.57 2.65
C PRO B 171 -9.09 20.49 1.89
N ALA B 172 -8.09 20.87 1.10
CA ALA B 172 -7.27 19.86 0.41
C ALA B 172 -6.46 19.05 1.41
N HIS B 173 -6.12 19.65 2.54
CA HIS B 173 -5.39 19.00 3.61
C HIS B 173 -6.27 17.98 4.30
N MET B 174 -7.57 18.28 4.42
CA MET B 174 -8.54 17.34 4.98
C MET B 174 -8.66 16.10 4.10
N ILE B 175 -8.69 16.29 2.78
CA ILE B 175 -8.77 15.17 1.86
C ILE B 175 -7.50 14.33 1.94
N ALA B 176 -6.34 14.99 1.91
CA ALA B 176 -5.06 14.29 2.03
C ALA B 176 -5.02 13.41 3.28
N ILE B 177 -5.49 13.94 4.41
CA ILE B 177 -5.45 13.18 5.66
C ILE B 177 -6.39 11.98 5.59
N THR B 178 -7.57 12.17 5.00
CA THR B 178 -8.53 11.07 4.87
C THR B 178 -7.91 9.92 4.09
N PHE B 179 -7.15 10.23 3.05
CA PHE B 179 -6.47 9.20 2.29
C PHE B 179 -5.36 8.55 3.11
N PHE B 180 -4.57 9.35 3.85
CA PHE B 180 -3.53 8.77 4.70
C PHE B 180 -4.12 7.80 5.72
N PHE B 181 -5.20 8.21 6.42
CA PHE B 181 -5.79 7.36 7.44
C PHE B 181 -6.40 6.10 6.80
N THR B 182 -7.14 6.28 5.72
CA THR B 182 -7.77 5.15 5.02
C THR B 182 -6.72 4.20 4.45
N ASN B 183 -5.59 4.73 3.97
CA ASN B 183 -4.53 3.87 3.46
C ASN B 183 -3.99 2.99 4.57
N ALA B 184 -3.74 3.57 5.75
CA ALA B 184 -3.22 2.79 6.85
C ALA B 184 -4.24 1.76 7.32
N LEU B 185 -5.52 2.12 7.25
CA LEU B 185 -6.59 1.17 7.56
C LEU B 185 -6.59 0.02 6.57
N ALA B 186 -6.48 0.34 5.27
CA ALA B 186 -6.43 -0.67 4.24
C ALA B 186 -5.16 -1.53 4.31
N LEU B 187 -4.02 -0.94 4.71
CA LEU B 187 -2.80 -1.73 4.87
C LEU B 187 -2.93 -2.72 6.02
N ALA B 188 -3.47 -2.29 7.15
CA ALA B 188 -3.65 -3.22 8.27
C ALA B 188 -4.56 -4.37 7.86
N LEU B 189 -5.70 -4.05 7.24
CA LEU B 189 -6.66 -5.07 6.85
C LEU B 189 -6.06 -6.04 5.85
N HIS B 190 -5.35 -5.51 4.83
CA HIS B 190 -4.78 -6.37 3.81
C HIS B 190 -3.74 -7.31 4.41
N GLY B 191 -2.79 -6.77 5.15
CA GLY B 191 -1.79 -7.60 5.79
C GLY B 191 -2.41 -8.64 6.71
N ALA B 192 -3.41 -8.24 7.49
CA ALA B 192 -4.06 -9.18 8.40
C ALA B 192 -4.81 -10.25 7.62
N LEU B 193 -5.48 -9.88 6.53
CA LEU B 193 -6.30 -10.84 5.80
C LEU B 193 -5.44 -11.95 5.18
N VAL B 194 -4.42 -11.58 4.39
CA VAL B 194 -3.54 -12.57 3.78
C VAL B 194 -2.93 -13.47 4.85
N LEU B 195 -2.47 -12.87 5.95
CA LEU B 195 -1.83 -13.65 6.99
C LEU B 195 -2.81 -14.56 7.70
N SER B 196 -4.05 -14.10 7.93
CA SER B 196 -5.04 -14.97 8.58
C SER B 196 -5.39 -16.16 7.69
N ALA B 197 -5.18 -16.03 6.38
CA ALA B 197 -5.43 -17.14 5.47
C ALA B 197 -4.24 -18.07 5.42
N ALA B 198 -3.03 -17.50 5.38
CA ALA B 198 -1.83 -18.32 5.28
C ALA B 198 -1.45 -18.95 6.61
N ASN B 199 -1.95 -18.44 7.72
CA ASN B 199 -1.61 -18.93 9.06
C ASN B 199 -2.91 -19.14 9.83
N PRO B 200 -3.67 -20.18 9.48
CA PRO B 200 -4.98 -20.37 10.10
C PRO B 200 -4.84 -20.95 11.49
N GLU B 201 -5.95 -21.31 12.13
CA GLU B 201 -5.88 -21.97 13.44
C GLU B 201 -4.99 -23.21 13.38
N LYS B 202 -4.38 -23.55 14.52
CA LYS B 202 -3.32 -24.56 14.56
C LYS B 202 -3.80 -25.91 13.99
N GLY B 203 -2.96 -26.50 13.14
CA GLY B 203 -3.26 -27.78 12.52
C GLY B 203 -4.18 -27.72 11.33
N LYS B 204 -4.79 -26.57 11.06
CA LYS B 204 -5.69 -26.47 9.92
C LYS B 204 -4.92 -26.22 8.64
N GLU B 205 -5.58 -26.51 7.52
CA GLU B 205 -5.02 -26.26 6.19
C GLU B 205 -5.06 -24.76 5.87
N MET B 206 -4.05 -24.30 5.10
CA MET B 206 -4.06 -22.95 4.54
C MET B 206 -5.41 -22.63 3.93
N ARG B 207 -5.92 -21.44 4.23
CA ARG B 207 -7.14 -21.01 3.56
C ARG B 207 -6.84 -20.54 2.15
N THR B 208 -7.90 -20.27 1.40
CA THR B 208 -7.84 -19.87 0.01
C THR B 208 -8.27 -18.42 -0.12
N PRO B 209 -8.10 -17.82 -1.30
CA PRO B 209 -8.71 -16.49 -1.49
C PRO B 209 -10.22 -16.54 -1.35
N ASP B 210 -10.85 -17.69 -1.61
CA ASP B 210 -12.30 -17.83 -1.39
C ASP B 210 -12.64 -17.55 0.06
N HIS B 211 -11.86 -18.10 0.98
CA HIS B 211 -12.06 -17.80 2.40
C HIS B 211 -11.84 -16.32 2.70
N GLU B 212 -10.94 -15.66 1.94
CA GLU B 212 -10.67 -14.24 2.16
C GLU B 212 -11.87 -13.39 1.74
N ASP B 213 -12.40 -13.64 0.54
CA ASP B 213 -13.64 -12.97 0.14
C ASP B 213 -14.77 -13.26 1.13
N THR B 214 -14.89 -14.51 1.58
CA THR B 214 -15.97 -14.88 2.48
C THR B 214 -15.85 -14.15 3.82
N PHE B 215 -14.64 -14.08 4.37
CA PHE B 215 -14.44 -13.37 5.64
C PHE B 215 -14.94 -11.94 5.55
N PHE B 216 -14.58 -11.23 4.48
CA PHE B 216 -14.96 -9.84 4.39
C PHE B 216 -16.42 -9.64 4.01
N ARG B 217 -16.98 -10.53 3.17
CA ARG B 217 -18.42 -10.45 2.96
C ARG B 217 -19.17 -10.69 4.27
N ASP B 218 -18.77 -11.70 5.03
CA ASP B 218 -19.40 -11.91 6.32
C ASP B 218 -19.28 -10.66 7.19
N LEU B 219 -18.11 -10.00 7.16
CA LEU B 219 -17.84 -8.91 8.09
C LEU B 219 -18.61 -7.65 7.71
N VAL B 220 -18.47 -7.18 6.47
CA VAL B 220 -19.02 -5.89 6.08
C VAL B 220 -19.93 -5.97 4.87
N GLY B 221 -20.15 -7.15 4.31
CA GLY B 221 -21.01 -7.27 3.16
C GLY B 221 -20.36 -7.02 1.82
N TYR B 222 -19.04 -6.89 1.79
CA TYR B 222 -18.37 -6.66 0.52
C TYR B 222 -16.91 -7.07 0.64
N SER B 223 -16.36 -7.55 -0.48
CA SER B 223 -14.93 -7.84 -0.57
C SER B 223 -14.42 -7.27 -1.89
N ILE B 224 -13.41 -6.40 -1.81
CA ILE B 224 -12.92 -5.80 -3.05
C ILE B 224 -12.14 -6.80 -3.88
N GLY B 225 -11.66 -7.91 -3.29
CA GLY B 225 -10.91 -8.89 -4.06
C GLY B 225 -9.41 -8.65 -4.07
N THR B 226 -8.66 -9.67 -4.49
CA THR B 226 -7.22 -9.64 -4.36
C THR B 226 -6.56 -8.74 -5.40
N LEU B 227 -7.11 -8.62 -6.61
CA LEU B 227 -6.60 -7.58 -7.50
C LEU B 227 -6.95 -6.18 -6.96
N GLY B 228 -8.20 -6.01 -6.53
CA GLY B 228 -8.68 -4.69 -6.18
C GLY B 228 -7.98 -4.09 -4.98
N ILE B 229 -7.65 -4.92 -3.99
CA ILE B 229 -7.02 -4.41 -2.77
C ILE B 229 -5.65 -3.82 -3.07
N HIS B 230 -4.96 -4.33 -4.10
CA HIS B 230 -3.66 -3.79 -4.45
C HIS B 230 -3.80 -2.52 -5.29
N ARG B 231 -4.78 -2.51 -6.21
CA ARG B 231 -5.16 -1.25 -6.84
C ARG B 231 -5.51 -0.19 -5.79
N LEU B 232 -6.25 -0.59 -4.75
CA LEU B 232 -6.73 0.33 -3.74
C LEU B 232 -5.57 0.92 -2.94
N GLY B 233 -4.70 0.07 -2.42
CA GLY B 233 -3.56 0.57 -1.67
C GLY B 233 -2.74 1.55 -2.49
N LEU B 234 -2.48 1.19 -3.75
CA LEU B 234 -1.72 2.10 -4.59
C LEU B 234 -2.48 3.41 -4.77
N LEU B 235 -3.79 3.34 -4.98
CA LEU B 235 -4.55 4.55 -5.25
C LEU B 235 -4.71 5.43 -4.01
N LEU B 236 -4.96 4.82 -2.85
CA LEU B 236 -5.09 5.60 -1.62
C LEU B 236 -3.77 6.31 -1.26
N SER B 237 -2.63 5.61 -1.42
CA SER B 237 -1.35 6.21 -1.05
CA SER B 237 -1.33 6.19 -1.06
C SER B 237 -0.95 7.30 -2.03
N LEU B 238 -1.17 7.10 -3.33
CA LEU B 238 -0.82 8.13 -4.28
C LEU B 238 -1.77 9.31 -4.16
N SER B 239 -3.02 9.05 -3.77
CA SER B 239 -4.01 10.11 -3.69
C SER B 239 -3.68 11.02 -2.50
N ALA B 240 -3.26 10.42 -1.39
CA ALA B 240 -2.85 11.17 -0.21
C ALA B 240 -1.72 12.15 -0.56
N VAL B 241 -0.69 11.67 -1.26
CA VAL B 241 0.46 12.50 -1.58
C VAL B 241 0.09 13.52 -2.64
N PHE B 242 -0.85 13.18 -3.52
CA PHE B 242 -1.33 14.14 -4.50
C PHE B 242 -2.00 15.33 -3.81
N PHE B 243 -2.90 15.05 -2.87
CA PHE B 243 -3.60 16.12 -2.18
C PHE B 243 -2.71 16.83 -1.17
N SER B 244 -1.68 16.16 -0.65
CA SER B 244 -0.65 16.85 0.11
C SER B 244 0.02 17.94 -0.72
N ALA B 245 0.56 17.57 -1.88
CA ALA B 245 1.19 18.56 -2.75
C ALA B 245 0.19 19.64 -3.13
N LEU B 246 -1.05 19.24 -3.42
CA LEU B 246 -2.08 20.21 -3.78
C LEU B 246 -2.36 21.17 -2.62
N CYS B 247 -2.47 20.65 -1.39
CA CYS B 247 -2.86 21.52 -0.29
C CYS B 247 -1.77 22.54 0.02
N MET B 248 -0.53 22.26 -0.35
CA MET B 248 0.57 23.18 -0.11
C MET B 248 0.80 24.13 -1.29
N ILE B 249 0.62 23.67 -2.53
CA ILE B 249 0.88 24.54 -3.67
C ILE B 249 -0.12 25.70 -3.70
N ILE B 250 -1.31 25.52 -3.12
CA ILE B 250 -2.34 26.55 -3.11
C ILE B 250 -2.25 27.47 -1.89
N THR B 251 -1.39 27.16 -0.92
CA THR B 251 -1.29 27.86 0.34
C THR B 251 -0.15 28.87 0.26
N GLY B 252 -0.48 30.15 0.42
CA GLY B 252 0.46 31.23 0.24
C GLY B 252 0.51 31.73 -1.18
N THR B 253 -0.30 31.15 -2.06
CA THR B 253 -0.36 31.55 -3.46
C THR B 253 -1.78 32.01 -3.75
N ILE B 254 -2.71 31.09 -4.01
CA ILE B 254 -4.07 31.52 -4.26
C ILE B 254 -4.86 31.71 -2.95
N TRP B 255 -4.46 31.06 -1.87
CA TRP B 255 -5.05 31.32 -0.56
C TRP B 255 -3.94 31.61 0.44
N PHE B 256 -4.04 32.75 1.13
CA PHE B 256 -3.03 33.16 2.09
C PHE B 256 -3.63 33.73 3.37
N ASP B 257 -4.94 33.67 3.56
CA ASP B 257 -5.53 34.15 4.80
C ASP B 257 -5.68 32.96 5.74
N GLN B 258 -6.43 33.12 6.83
CA GLN B 258 -6.62 32.01 7.75
C GLN B 258 -7.57 31.01 7.12
N TRP B 259 -7.15 29.73 7.06
CA TRP B 259 -7.93 28.72 6.34
C TRP B 259 -9.32 28.53 6.94
N VAL B 260 -9.48 28.74 8.26
CA VAL B 260 -10.82 28.60 8.85
C VAL B 260 -11.81 29.54 8.18
N ASP B 261 -11.35 30.66 7.63
CA ASP B 261 -12.31 31.63 7.11
C ASP B 261 -12.76 31.28 5.70
N TRP B 262 -11.98 30.45 5.00
CA TRP B 262 -12.40 29.96 3.70
C TRP B 262 -13.80 29.35 3.74
N TRP B 263 -14.16 28.71 4.85
CA TRP B 263 -15.42 28.00 4.92
C TRP B 263 -16.63 28.92 4.99
N GLN B 264 -16.44 30.24 5.01
CA GLN B 264 -17.58 31.14 5.02
C GLN B 264 -18.35 31.13 3.71
N TRP B 265 -17.68 30.79 2.60
CA TRP B 265 -18.38 30.75 1.32
C TRP B 265 -19.60 29.85 1.39
N TRP B 266 -19.52 28.79 2.20
CA TRP B 266 -20.65 27.90 2.40
C TRP B 266 -21.71 28.53 3.31
N VAL B 267 -21.26 29.09 4.45
CA VAL B 267 -22.19 29.64 5.42
C VAL B 267 -22.96 30.82 4.83
N LYS B 268 -22.32 31.60 3.97
CA LYS B 268 -22.89 32.83 3.43
C LYS B 268 -23.59 32.59 2.09
N LEU B 269 -24.01 31.38 1.81
CA LEU B 269 -24.77 31.15 0.59
C LEU B 269 -26.13 31.84 0.73
N PRO B 270 -26.63 32.45 -0.34
CA PRO B 270 -27.83 33.31 -0.22
C PRO B 270 -29.02 32.69 0.47
N TRP B 271 -29.31 31.42 0.23
CA TRP B 271 -30.57 30.83 0.68
C TRP B 271 -30.58 30.45 2.16
N TRP B 272 -29.47 30.58 2.90
CA TRP B 272 -29.52 30.36 4.33
C TRP B 272 -28.63 31.30 5.13
N ALA B 273 -27.90 32.20 4.47
CA ALA B 273 -26.97 33.08 5.17
C ALA B 273 -27.62 33.85 6.31
N ASN B 274 -28.90 34.23 6.15
CA ASN B 274 -29.53 35.12 7.13
C ASN B 274 -30.68 34.46 7.89
N ILE B 275 -30.86 33.16 7.77
CA ILE B 275 -31.82 32.45 8.61
C ILE B 275 -31.32 32.46 10.05
N PRO B 276 -32.12 32.88 11.02
CA PRO B 276 -31.62 32.96 12.41
C PRO B 276 -31.49 31.57 13.02
N GLY B 277 -30.68 31.50 14.08
CA GLY B 277 -30.51 30.27 14.84
C GLY B 277 -29.27 29.49 14.42
N GLY B 278 -29.07 28.37 15.10
CA GLY B 278 -27.90 27.56 14.82
C GLY B 278 -26.63 28.21 15.33
N ILE B 279 -25.51 27.90 14.68
CA ILE B 279 -24.23 28.41 15.15
C ILE B 279 -23.91 29.76 14.54
N ASN B 280 -24.15 29.93 13.24
CA ASN B 280 -23.75 31.13 12.50
C ASN B 280 -24.91 32.09 12.27
N GLY B 281 -26.02 31.91 12.98
CA GLY B 281 -27.17 32.78 12.82
C GLY B 281 -27.78 33.11 14.16
N ALA C 1 -0.29 2.42 -26.30
CA ALA C 1 -0.58 2.57 -24.87
C ALA C 1 -0.69 1.20 -24.21
N GLU C 2 0.38 0.78 -23.55
CA GLU C 2 0.39 -0.51 -22.85
CA GLU C 2 0.36 -0.52 -22.89
C GLU C 2 -0.66 -0.51 -21.74
N TYR C 3 -1.29 -1.67 -21.54
CA TYR C 3 -2.28 -1.81 -20.47
C TYR C 3 -1.58 -1.86 -19.11
N GLN C 4 -2.20 -1.25 -18.10
CA GLN C 4 -1.56 -1.11 -16.79
C GLN C 4 -2.29 -1.81 -15.65
N ASN C 5 -3.45 -2.41 -15.91
CA ASN C 5 -4.20 -3.20 -14.92
C ASN C 5 -4.66 -2.37 -13.72
N ILE C 6 -4.88 -1.06 -13.94
CA ILE C 6 -5.53 -0.23 -12.93
C ILE C 6 -7.05 -0.40 -12.98
N PHE C 7 -7.62 -0.41 -14.18
CA PHE C 7 -9.06 -0.62 -14.36
C PHE C 7 -9.27 -1.83 -15.25
N THR C 8 -10.22 -2.67 -14.84
CA THR C 8 -10.61 -3.84 -15.60
C THR C 8 -11.05 -3.43 -17.01
N GLN C 9 -10.60 -4.19 -18.03
CA GLN C 9 -11.10 -3.96 -19.38
C GLN C 9 -12.41 -4.72 -19.66
N VAL C 10 -12.48 -5.99 -19.26
CA VAL C 10 -13.64 -6.85 -19.50
C VAL C 10 -14.07 -7.46 -18.17
N GLN C 11 -15.29 -7.19 -17.76
CA GLN C 11 -15.85 -7.84 -16.58
C GLN C 11 -16.58 -9.10 -16.99
N VAL C 12 -16.48 -10.12 -16.16
CA VAL C 12 -17.23 -11.34 -16.34
C VAL C 12 -18.00 -11.57 -15.05
N ARG C 13 -19.16 -12.20 -15.18
CA ARG C 13 -19.99 -12.52 -14.02
C ARG C 13 -20.53 -13.93 -14.18
N GLY C 14 -20.67 -14.62 -13.04
CA GLY C 14 -21.26 -15.93 -13.00
C GLY C 14 -22.26 -16.00 -11.87
N PRO C 15 -22.71 -17.19 -11.50
CA PRO C 15 -23.66 -17.30 -10.39
C PRO C 15 -23.10 -16.68 -9.13
N ALA C 16 -23.99 -16.07 -8.34
CA ALA C 16 -23.56 -15.33 -7.17
C ALA C 16 -22.82 -16.26 -6.22
N ASP C 17 -21.66 -15.82 -5.75
CA ASP C 17 -20.81 -16.65 -4.91
C ASP C 17 -21.25 -16.50 -3.46
N LEU C 18 -21.76 -17.59 -2.89
CA LEU C 18 -22.30 -17.59 -1.55
C LEU C 18 -21.24 -17.89 -0.49
N GLY C 19 -20.00 -18.15 -0.91
CA GLY C 19 -18.89 -18.17 0.02
C GLY C 19 -18.62 -19.54 0.61
N MET C 20 -17.52 -19.60 1.34
CA MET C 20 -17.12 -20.83 2.02
C MET C 20 -17.98 -21.00 3.27
N THR C 21 -18.15 -22.26 3.68
CA THR C 21 -19.07 -22.60 4.75
C THR C 21 -18.34 -22.85 6.06
N GLU C 22 -17.35 -23.75 6.04
CA GLU C 22 -16.67 -24.18 7.25
C GLU C 22 -17.65 -24.31 8.41
N ASP C 23 -17.37 -23.66 9.55
CA ASP C 23 -18.23 -23.75 10.73
C ASP C 23 -19.22 -22.59 10.83
N VAL C 24 -19.45 -21.86 9.74
CA VAL C 24 -20.32 -20.70 9.79
C VAL C 24 -21.76 -21.15 9.92
N ASN C 25 -22.51 -20.52 10.83
CA ASN C 25 -23.96 -20.69 10.92
C ASN C 25 -24.59 -20.04 9.70
N LEU C 26 -24.96 -20.87 8.72
CA LEU C 26 -25.50 -20.35 7.47
C LEU C 26 -26.86 -19.67 7.65
N ALA C 27 -27.55 -19.94 8.76
CA ALA C 27 -28.84 -19.29 8.97
C ALA C 27 -28.71 -17.79 9.11
N ASN C 28 -27.54 -17.31 9.57
CA ASN C 28 -27.32 -15.90 9.86
C ASN C 28 -26.73 -15.13 8.69
N ARG C 29 -26.57 -15.76 7.52
CA ARG C 29 -26.11 -15.05 6.33
C ARG C 29 -27.30 -14.55 5.53
N SER C 30 -27.21 -13.31 5.06
CA SER C 30 -28.21 -12.76 4.18
C SER C 30 -28.19 -13.51 2.86
N GLY C 31 -29.02 -13.07 1.93
CA GLY C 31 -28.82 -13.39 0.54
C GLY C 31 -27.84 -12.43 -0.10
N VAL C 32 -27.42 -12.77 -1.31
CA VAL C 32 -26.46 -11.94 -2.02
C VAL C 32 -27.16 -10.66 -2.46
N GLY C 33 -26.43 -9.54 -2.42
CA GLY C 33 -26.97 -8.25 -2.79
C GLY C 33 -26.89 -8.02 -4.28
N PRO C 34 -27.06 -6.77 -4.72
CA PRO C 34 -26.94 -6.46 -6.15
C PRO C 34 -25.51 -6.63 -6.65
N PHE C 35 -25.35 -6.54 -7.96
CA PHE C 35 -24.05 -6.50 -8.61
C PHE C 35 -23.80 -5.10 -9.12
N SER C 36 -22.66 -4.54 -8.78
CA SER C 36 -22.30 -3.18 -9.16
C SER C 36 -21.26 -3.23 -10.28
N THR C 37 -21.73 -3.10 -11.52
CA THR C 37 -20.81 -2.91 -12.63
C THR C 37 -19.84 -1.75 -12.39
N LEU C 38 -20.26 -0.74 -11.61
CA LEU C 38 -19.37 0.38 -11.33
C LEU C 38 -18.16 -0.06 -10.52
N LEU C 39 -18.40 -0.72 -9.38
CA LEU C 39 -17.33 -1.29 -8.57
C LEU C 39 -16.45 -2.24 -9.38
N GLY C 40 -17.07 -3.06 -10.23
CA GLY C 40 -16.37 -4.05 -11.03
C GLY C 40 -15.33 -3.48 -11.98
N TRP C 41 -15.31 -2.16 -12.17
CA TRP C 41 -14.20 -1.65 -12.96
C TRP C 41 -12.92 -1.64 -12.16
N PHE C 42 -13.00 -1.83 -10.84
CA PHE C 42 -11.87 -1.60 -9.96
C PHE C 42 -11.64 -2.82 -9.06
N GLY C 43 -12.70 -3.29 -8.40
CA GLY C 43 -12.67 -4.45 -7.53
C GLY C 43 -13.76 -5.45 -7.93
N ASN C 44 -14.28 -6.22 -6.97
CA ASN C 44 -15.38 -7.14 -7.23
C ASN C 44 -16.69 -6.41 -7.46
N ALA C 45 -17.51 -6.93 -8.39
CA ALA C 45 -18.85 -6.38 -8.66
C ALA C 45 -19.90 -6.84 -7.65
N GLN C 46 -19.70 -7.96 -6.98
CA GLN C 46 -20.75 -8.54 -6.15
C GLN C 46 -20.82 -7.86 -4.79
N LEU C 47 -22.03 -7.48 -4.39
CA LEU C 47 -22.33 -7.04 -3.04
C LEU C 47 -22.98 -8.19 -2.27
N GLY C 48 -22.69 -8.27 -0.98
CA GLY C 48 -23.17 -9.35 -0.14
C GLY C 48 -22.70 -10.73 -0.57
N PRO C 49 -23.11 -11.78 0.16
CA PRO C 49 -23.96 -11.68 1.35
C PRO C 49 -23.22 -11.17 2.57
N ILE C 50 -23.97 -10.78 3.58
CA ILE C 50 -23.40 -10.32 4.83
C ILE C 50 -23.86 -11.27 5.93
N TYR C 51 -23.06 -11.38 6.96
CA TYR C 51 -23.41 -12.18 8.12
C TYR C 51 -23.90 -11.22 9.20
N LEU C 52 -25.07 -11.51 9.76
CA LEU C 52 -25.70 -10.67 10.78
CA LEU C 52 -25.67 -10.66 10.80
C LEU C 52 -26.30 -11.58 11.84
N GLY C 53 -25.48 -12.02 12.78
CA GLY C 53 -25.96 -12.72 13.94
C GLY C 53 -26.39 -11.74 15.01
N SER C 54 -26.46 -12.22 16.25
CA SER C 54 -26.94 -11.38 17.34
C SER C 54 -25.94 -10.28 17.68
N LEU C 55 -24.65 -10.62 17.76
CA LEU C 55 -23.62 -9.64 18.03
C LEU C 55 -23.59 -8.56 16.96
N GLY C 56 -23.80 -8.94 15.70
CA GLY C 56 -23.81 -7.95 14.63
C GLY C 56 -24.99 -7.00 14.73
N VAL C 57 -26.16 -7.51 15.09
CA VAL C 57 -27.33 -6.65 15.20
C VAL C 57 -27.15 -5.70 16.38
N LEU C 58 -26.65 -6.21 17.50
CA LEU C 58 -26.34 -5.36 18.64
C LEU C 58 -25.39 -4.23 18.23
N SER C 59 -24.30 -4.58 17.54
CA SER C 59 -23.28 -3.59 17.22
C SER C 59 -23.83 -2.55 16.26
N LEU C 60 -24.55 -3.00 15.23
CA LEU C 60 -25.14 -2.06 14.29
C LEU C 60 -26.25 -1.23 14.94
N PHE C 61 -26.92 -1.76 15.96
CA PHE C 61 -27.94 -0.97 16.64
C PHE C 61 -27.31 0.13 17.47
N SER C 62 -26.27 -0.22 18.26
CA SER C 62 -25.55 0.79 19.03
C SER C 62 -24.97 1.85 18.11
N GLY C 63 -24.33 1.42 17.03
CA GLY C 63 -23.70 2.37 16.12
C GLY C 63 -24.66 3.40 15.57
N LEU C 64 -25.85 2.97 15.17
CA LEU C 64 -26.85 3.92 14.70
C LEU C 64 -27.36 4.78 15.84
N MET C 65 -27.51 4.19 17.03
CA MET C 65 -27.98 4.96 18.18
C MET C 65 -26.97 6.05 18.54
N TRP C 66 -25.68 5.73 18.49
CA TRP C 66 -24.63 6.73 18.69
C TRP C 66 -24.73 7.82 17.65
N PHE C 67 -24.92 7.43 16.39
CA PHE C 67 -25.03 8.38 15.29
C PHE C 67 -26.29 9.22 15.41
N PHE C 68 -27.39 8.60 15.86
CA PHE C 68 -28.64 9.32 15.97
CA PHE C 68 -28.66 9.30 15.99
C PHE C 68 -28.63 10.28 17.16
N THR C 69 -28.04 9.86 18.29
CA THR C 69 -27.93 10.75 19.44
C THR C 69 -27.20 12.03 19.07
N ILE C 70 -26.09 11.92 18.35
CA ILE C 70 -25.37 13.11 17.89
C ILE C 70 -26.27 13.94 16.98
N GLY C 71 -26.93 13.28 16.03
CA GLY C 71 -27.70 14.01 15.03
C GLY C 71 -28.94 14.70 15.59
N ILE C 72 -29.55 14.11 16.60
CA ILE C 72 -30.67 14.76 17.27
C ILE C 72 -30.21 16.02 18.00
N TRP C 73 -29.04 15.93 18.66
CA TRP C 73 -28.45 17.14 19.24
C TRP C 73 -28.20 18.19 18.17
N PHE C 74 -27.71 17.76 16.99
CA PHE C 74 -27.46 18.71 15.92
C PHE C 74 -28.75 19.39 15.47
N TRP C 75 -29.84 18.63 15.37
CA TRP C 75 -31.12 19.22 14.97
C TRP C 75 -31.60 20.22 16.02
N TYR C 76 -31.43 19.89 17.31
CA TYR C 76 -31.74 20.84 18.35
C TYR C 76 -30.93 22.12 18.19
N GLN C 77 -29.61 22.00 18.05
CA GLN C 77 -28.75 23.17 17.84
C GLN C 77 -29.18 23.96 16.62
N ALA C 78 -29.72 23.28 15.60
CA ALA C 78 -30.18 23.95 14.40
C ALA C 78 -31.55 24.60 14.56
N GLY C 79 -32.15 24.53 15.75
CA GLY C 79 -33.52 24.97 15.92
C GLY C 79 -34.49 24.23 15.03
N TRP C 80 -34.22 22.95 14.75
CA TRP C 80 -35.04 22.08 13.91
C TRP C 80 -35.23 22.63 12.51
N ASN C 81 -34.47 23.65 12.11
CA ASN C 81 -34.56 24.20 10.78
C ASN C 81 -33.64 23.44 9.84
N PRO C 82 -34.17 22.74 8.83
CA PRO C 82 -33.30 21.98 7.93
C PRO C 82 -32.27 22.84 7.20
N ALA C 83 -32.61 24.07 6.84
CA ALA C 83 -31.63 24.92 6.16
C ALA C 83 -30.50 25.31 7.12
N VAL C 84 -30.84 25.55 8.39
CA VAL C 84 -29.80 25.78 9.39
C VAL C 84 -28.96 24.51 9.57
N PHE C 85 -29.62 23.36 9.59
CA PHE C 85 -28.92 22.08 9.76
C PHE C 85 -27.83 21.91 8.70
N LEU C 86 -28.18 22.09 7.42
CA LEU C 86 -27.19 21.92 6.37
C LEU C 86 -26.15 23.04 6.39
N ARG C 87 -26.55 24.26 6.75
CA ARG C 87 -25.61 25.38 6.70
C ARG C 87 -24.49 25.23 7.73
N ASP C 88 -24.84 24.77 8.93
CA ASP C 88 -23.93 24.78 10.06
C ASP C 88 -23.46 23.37 10.46
N LEU C 89 -23.68 22.39 9.57
CA LEU C 89 -23.48 20.98 9.90
C LEU C 89 -22.10 20.70 10.51
N PHE C 90 -21.05 21.25 9.87
CA PHE C 90 -19.70 21.05 10.38
C PHE C 90 -19.43 21.84 11.67
N PHE C 91 -20.29 22.81 12.01
CA PHE C 91 -20.07 23.66 13.18
C PHE C 91 -20.72 23.11 14.45
N PHE C 92 -21.74 22.27 14.31
CA PHE C 92 -22.41 21.70 15.48
C PHE C 92 -21.45 20.79 16.24
N SER C 93 -21.78 20.56 17.51
CA SER C 93 -20.90 19.74 18.33
C SER C 93 -21.65 19.29 19.56
N LEU C 94 -21.63 17.97 19.80
CA LEU C 94 -22.07 17.40 21.06
C LEU C 94 -20.83 17.22 21.93
N GLU C 95 -20.72 18.05 23.05
CA GLU C 95 -19.57 18.23 23.92
C GLU C 95 -19.73 17.45 25.22
N PRO C 96 -18.63 16.93 25.78
CA PRO C 96 -18.70 16.15 27.03
C PRO C 96 -19.03 17.05 28.21
N PRO C 97 -19.26 16.46 29.40
CA PRO C 97 -19.52 17.30 30.58
C PRO C 97 -18.38 18.25 30.88
N ALA C 98 -18.71 19.34 31.56
CA ALA C 98 -17.70 20.30 32.00
C ALA C 98 -16.85 19.66 33.11
N PRO C 99 -15.67 20.21 33.39
CA PRO C 99 -14.78 19.56 34.38
C PRO C 99 -15.41 19.38 35.76
N GLU C 100 -16.29 20.30 36.18
CA GLU C 100 -16.85 20.24 37.53
C GLU C 100 -17.53 18.91 37.79
N TYR C 101 -18.11 18.28 36.77
CA TYR C 101 -18.79 17.01 36.95
C TYR C 101 -17.82 15.83 37.05
N GLY C 102 -16.53 16.07 36.86
CA GLY C 102 -15.55 15.00 36.96
C GLY C 102 -15.92 13.81 36.10
N LEU C 103 -15.80 12.62 36.69
CA LEU C 103 -16.17 11.37 36.06
C LEU C 103 -17.60 10.97 36.39
N SER C 104 -18.38 11.87 36.99
CA SER C 104 -19.75 11.56 37.37
C SER C 104 -20.64 11.44 36.15
N PHE C 105 -21.86 10.96 36.37
CA PHE C 105 -22.90 10.94 35.36
C PHE C 105 -24.02 11.94 35.66
N ALA C 106 -23.81 12.82 36.63
CA ALA C 106 -24.84 13.75 37.08
C ALA C 106 -25.05 14.94 36.15
N ALA C 107 -24.21 15.09 35.13
CA ALA C 107 -24.29 16.28 34.28
C ALA C 107 -25.65 16.35 33.59
N PRO C 108 -26.25 17.54 33.48
CA PRO C 108 -27.54 17.65 32.79
C PRO C 108 -27.46 17.15 31.36
N LEU C 109 -28.60 16.67 30.87
CA LEU C 109 -28.68 16.08 29.53
C LEU C 109 -28.04 17.00 28.49
N LYS C 110 -28.43 18.27 28.47
CA LYS C 110 -27.90 19.22 27.51
C LYS C 110 -26.48 19.69 27.86
N GLU C 111 -25.88 19.19 28.92
CA GLU C 111 -24.59 19.67 29.38
C GLU C 111 -23.63 18.53 29.65
N GLY C 112 -23.65 17.49 28.81
CA GLY C 112 -22.73 16.38 28.91
C GLY C 112 -23.40 15.04 29.05
N GLY C 113 -24.62 15.01 29.60
CA GLY C 113 -25.33 13.74 29.74
C GLY C 113 -25.61 13.09 28.40
N LEU C 114 -25.98 13.89 27.39
CA LEU C 114 -26.24 13.36 26.06
C LEU C 114 -24.93 12.88 25.42
N TRP C 115 -23.82 13.57 25.69
CA TRP C 115 -22.52 13.09 25.23
C TRP C 115 -22.21 11.73 25.83
N LEU C 116 -22.59 11.50 27.09
CA LEU C 116 -22.28 10.25 27.74
C LEU C 116 -23.16 9.12 27.20
N ILE C 117 -24.40 9.43 26.82
CA ILE C 117 -25.26 8.42 26.22
C ILE C 117 -24.72 8.02 24.85
N ALA C 118 -24.39 9.02 24.03
CA ALA C 118 -23.83 8.73 22.70
C ALA C 118 -22.52 7.94 22.83
N SER C 119 -21.66 8.32 23.77
CA SER C 119 -20.40 7.60 23.94
C SER C 119 -20.61 6.18 24.41
N PHE C 120 -21.60 5.98 25.31
CA PHE C 120 -21.91 4.62 25.74
C PHE C 120 -22.30 3.77 24.55
N PHE C 121 -23.18 4.30 23.69
CA PHE C 121 -23.57 3.57 22.48
C PHE C 121 -22.34 3.26 21.62
N MET C 122 -21.41 4.21 21.52
CA MET C 122 -20.22 4.00 20.69
C MET C 122 -19.35 2.91 21.26
N PHE C 123 -19.23 2.87 22.59
CA PHE C 123 -18.45 1.86 23.27
C PHE C 123 -18.99 0.47 22.95
N VAL C 124 -20.31 0.30 23.03
CA VAL C 124 -20.92 -1.00 22.75
C VAL C 124 -20.79 -1.37 21.28
N ALA C 125 -20.97 -0.40 20.38
CA ALA C 125 -20.86 -0.67 18.94
C ALA C 125 -19.48 -1.17 18.57
N VAL C 126 -18.44 -0.49 19.08
CA VAL C 126 -17.07 -0.79 18.66
C VAL C 126 -16.60 -2.12 19.23
N TRP C 127 -16.86 -2.36 20.52
CA TRP C 127 -16.35 -3.58 21.13
C TRP C 127 -17.09 -4.80 20.60
N SER C 128 -18.41 -4.68 20.40
CA SER C 128 -19.11 -5.81 19.80
C SER C 128 -18.69 -6.00 18.34
N TRP C 129 -18.33 -4.92 17.64
CA TRP C 129 -17.77 -5.10 16.31
C TRP C 129 -16.44 -5.81 16.37
N TRP C 130 -15.64 -5.52 17.41
CA TRP C 130 -14.39 -6.23 17.60
C TRP C 130 -14.62 -7.72 17.78
N GLY C 131 -15.64 -8.09 18.56
CA GLY C 131 -15.95 -9.50 18.71
C GLY C 131 -16.35 -10.14 17.40
N ARG C 132 -17.08 -9.40 16.56
CA ARG C 132 -17.41 -9.87 15.22
C ARG C 132 -16.15 -10.21 14.43
N THR C 133 -15.11 -9.36 14.50
CA THR C 133 -13.92 -9.66 13.71
C THR C 133 -13.23 -10.94 14.20
N TYR C 134 -13.29 -11.22 15.51
CA TYR C 134 -12.73 -12.47 16.02
C TYR C 134 -13.57 -13.66 15.59
N LEU C 135 -14.90 -13.55 15.76
CA LEU C 135 -15.77 -14.70 15.59
C LEU C 135 -15.89 -15.10 14.12
N ARG C 136 -15.99 -14.13 13.21
CA ARG C 136 -16.08 -14.48 11.78
C ARG C 136 -14.81 -15.17 11.29
N ALA C 137 -13.65 -14.80 11.85
CA ALA C 137 -12.42 -15.51 11.52
C ALA C 137 -12.42 -16.92 12.09
N GLN C 138 -12.88 -17.06 13.33
CA GLN C 138 -12.93 -18.37 14.00
C GLN C 138 -13.85 -19.32 13.26
N ALA C 139 -15.03 -18.83 12.85
CA ALA C 139 -15.96 -19.68 12.13
C ALA C 139 -15.36 -20.21 10.85
N LEU C 140 -14.46 -19.46 10.22
CA LEU C 140 -13.83 -19.89 8.98
C LEU C 140 -12.50 -20.60 9.19
N GLY C 141 -12.13 -20.88 10.44
CA GLY C 141 -10.86 -21.54 10.73
C GLY C 141 -9.63 -20.68 10.56
N MET C 142 -9.79 -19.37 10.33
CA MET C 142 -8.69 -18.48 9.97
C MET C 142 -7.99 -17.94 11.21
N GLY C 143 -6.73 -17.51 11.01
CA GLY C 143 -6.02 -16.78 12.06
C GLY C 143 -6.77 -15.52 12.47
N LYS C 144 -6.39 -14.99 13.64
CA LYS C 144 -7.07 -13.86 14.25
C LYS C 144 -6.37 -12.53 13.99
N HIS C 145 -5.60 -12.44 12.90
CA HIS C 145 -4.80 -11.25 12.63
C HIS C 145 -5.65 -9.99 12.52
N THR C 146 -6.81 -10.08 11.86
CA THR C 146 -7.66 -8.91 11.68
C THR C 146 -8.11 -8.35 13.02
N ALA C 147 -8.50 -9.22 13.96
CA ALA C 147 -8.95 -8.75 15.27
C ALA C 147 -7.80 -8.17 16.08
N TRP C 148 -6.62 -8.77 16.02
CA TRP C 148 -5.49 -8.19 16.75
C TRP C 148 -5.10 -6.83 16.17
N ALA C 149 -5.10 -6.70 14.84
CA ALA C 149 -4.81 -5.40 14.23
C ALA C 149 -5.87 -4.37 14.61
N PHE C 150 -7.15 -4.75 14.55
CA PHE C 150 -8.24 -3.86 14.93
C PHE C 150 -8.05 -3.36 16.36
N LEU C 151 -7.54 -4.23 17.24
CA LEU C 151 -7.34 -3.85 18.63
C LEU C 151 -6.36 -2.68 18.74
N SER C 152 -5.40 -2.59 17.81
CA SER C 152 -4.47 -1.47 17.80
C SER C 152 -5.18 -0.15 17.54
N ALA C 153 -6.13 -0.13 16.61
CA ALA C 153 -6.90 1.10 16.40
C ALA C 153 -7.80 1.38 17.58
N ILE C 154 -8.39 0.32 18.16
CA ILE C 154 -9.26 0.49 19.32
C ILE C 154 -8.47 1.12 20.45
N TRP C 155 -7.18 0.77 20.57
CA TRP C 155 -6.31 1.30 21.62
C TRP C 155 -6.31 2.83 21.63
N LEU C 156 -5.96 3.45 20.49
CA LEU C 156 -5.98 4.91 20.41
C LEU C 156 -7.35 5.48 20.73
N TRP C 157 -8.41 4.88 20.17
CA TRP C 157 -9.77 5.32 20.45
C TRP C 157 -10.08 5.23 21.94
N MET C 158 -9.75 4.10 22.57
CA MET C 158 -10.02 3.94 23.99
C MET C 158 -9.24 4.96 24.82
N VAL C 159 -8.00 5.25 24.40
CA VAL C 159 -7.18 6.21 25.12
C VAL C 159 -7.80 7.60 25.03
N LEU C 160 -8.22 8.01 23.83
CA LEU C 160 -8.74 9.36 23.63
C LEU C 160 -10.03 9.61 24.40
N GLY C 161 -10.95 8.63 24.41
CA GLY C 161 -12.28 8.88 24.93
C GLY C 161 -12.57 8.29 26.30
N PHE C 162 -11.72 7.39 26.78
CA PHE C 162 -12.05 6.60 27.97
C PHE C 162 -10.91 6.52 28.97
N ILE C 163 -9.78 5.93 28.56
CA ILE C 163 -8.67 5.68 29.49
C ILE C 163 -8.03 6.98 29.95
N ARG C 164 -7.76 7.89 29.01
CA ARG C 164 -7.10 9.12 29.39
C ARG C 164 -8.05 10.02 30.18
N PRO C 165 -9.33 10.18 29.76
CA PRO C 165 -10.26 10.92 30.63
C PRO C 165 -10.34 10.37 32.04
N ILE C 166 -10.41 9.04 32.19
CA ILE C 166 -10.50 8.44 33.52
C ILE C 166 -9.26 8.76 34.34
N LEU C 167 -8.07 8.54 33.76
CA LEU C 167 -6.83 8.83 34.47
C LEU C 167 -6.68 10.33 34.77
N MET C 168 -7.24 11.20 33.94
CA MET C 168 -7.17 12.63 34.22
C MET C 168 -8.24 13.09 35.20
N GLY C 169 -9.24 12.27 35.48
CA GLY C 169 -10.24 12.59 36.48
C GLY C 169 -11.50 13.27 36.00
N SER C 170 -11.71 13.39 34.69
CA SER C 170 -12.95 14.04 34.23
C SER C 170 -13.25 13.67 32.78
N TRP C 171 -14.54 13.61 32.48
CA TRP C 171 -14.97 13.36 31.10
C TRP C 171 -14.70 14.55 30.20
N SER C 172 -14.44 15.73 30.77
CA SER C 172 -14.20 16.92 29.97
C SER C 172 -12.94 16.81 29.14
N GLU C 173 -12.07 15.86 29.48
CA GLU C 173 -10.85 15.64 28.71
C GLU C 173 -11.10 14.96 27.38
N ALA C 174 -12.29 14.41 27.16
CA ALA C 174 -12.55 13.57 26.00
C ALA C 174 -12.86 14.42 24.76
N VAL C 175 -12.95 13.73 23.63
CA VAL C 175 -13.13 14.39 22.33
C VAL C 175 -14.62 14.64 22.11
N PRO C 176 -15.03 15.82 21.65
CA PRO C 176 -16.44 16.06 21.35
C PRO C 176 -16.81 15.48 19.98
N TYR C 177 -18.12 15.31 19.77
CA TYR C 177 -18.66 14.77 18.53
C TYR C 177 -19.02 15.93 17.61
N GLY C 178 -18.11 16.25 16.69
CA GLY C 178 -18.38 17.28 15.71
C GLY C 178 -17.24 17.39 14.72
N ILE C 179 -17.52 17.82 13.50
CA ILE C 179 -16.49 17.85 12.48
C ILE C 179 -15.43 18.88 12.85
N PHE C 180 -15.79 20.17 12.89
CA PHE C 180 -14.80 21.20 13.21
C PHE C 180 -14.37 21.12 14.67
N SER C 181 -15.30 20.81 15.58
CA SER C 181 -14.95 20.85 17.00
C SER C 181 -13.89 19.83 17.37
N HIS C 182 -13.92 18.63 16.76
CA HIS C 182 -12.88 17.67 17.13
C HIS C 182 -11.54 18.04 16.49
N LEU C 183 -11.53 18.80 15.38
CA LEU C 183 -10.29 19.39 14.91
C LEU C 183 -9.76 20.45 15.89
N ASP C 184 -10.65 21.32 16.38
CA ASP C 184 -10.24 22.31 17.39
C ASP C 184 -9.65 21.63 18.61
N TRP C 185 -10.34 20.59 19.11
CA TRP C 185 -9.81 19.80 20.22
C TRP C 185 -8.40 19.30 19.92
N THR C 186 -8.15 18.84 18.69
CA THR C 186 -6.85 18.25 18.36
C THR C 186 -5.74 19.31 18.39
N ASN C 187 -6.00 20.46 17.77
CA ASN C 187 -5.05 21.57 17.85
C ASN C 187 -4.85 22.02 19.29
N ASN C 188 -5.95 22.12 20.04
CA ASN C 188 -5.86 22.56 21.43
C ASN C 188 -5.04 21.58 22.27
N PHE C 189 -5.26 20.28 22.07
CA PHE C 189 -4.51 19.26 22.81
C PHE C 189 -3.00 19.48 22.66
N SER C 190 -2.55 19.79 21.44
CA SER C 190 -1.13 20.02 21.20
C SER C 190 -0.62 21.27 21.93
N LEU C 191 -1.36 22.39 21.83
CA LEU C 191 -0.92 23.63 22.48
C LEU C 191 -0.85 23.46 24.00
N VAL C 192 -1.88 22.88 24.59
CA VAL C 192 -1.92 22.64 26.03
C VAL C 192 -0.82 21.71 26.52
N HIS C 193 -0.25 20.86 25.66
CA HIS C 193 0.79 19.95 26.11
C HIS C 193 2.16 20.30 25.56
N GLY C 194 2.35 21.56 25.16
CA GLY C 194 3.68 22.02 24.79
C GLY C 194 4.17 21.57 23.44
N ASN C 195 3.26 21.31 22.49
CA ASN C 195 3.55 20.98 21.09
C ASN C 195 3.90 19.48 20.93
N LEU C 196 2.96 18.71 20.36
CA LEU C 196 3.15 17.26 20.23
C LEU C 196 4.34 16.91 19.35
N PHE C 197 4.85 17.85 18.55
CA PHE C 197 6.04 17.56 17.75
C PHE C 197 7.25 17.20 18.62
N TYR C 198 7.19 17.49 19.93
CA TYR C 198 8.24 17.09 20.86
C TYR C 198 7.94 15.78 21.56
N ASN C 199 6.76 15.22 21.34
CA ASN C 199 6.39 13.91 21.90
C ASN C 199 7.01 12.82 21.02
N PRO C 200 7.97 12.05 21.52
CA PRO C 200 8.64 11.06 20.64
C PRO C 200 7.71 9.99 20.12
N PHE C 201 6.68 9.60 20.89
CA PHE C 201 5.71 8.66 20.34
C PHE C 201 4.86 9.28 19.23
N HIS C 202 4.67 10.61 19.26
CA HIS C 202 3.96 11.27 18.16
C HIS C 202 4.80 11.27 16.90
N GLY C 203 6.11 11.50 17.03
CA GLY C 203 6.98 11.43 15.86
C GLY C 203 7.08 10.03 15.28
N LEU C 204 7.06 9.00 16.14
CA LEU C 204 7.04 7.63 15.67
C LEU C 204 5.74 7.31 14.95
N SER C 205 4.62 7.78 15.51
CA SER C 205 3.33 7.60 14.87
C SER C 205 3.32 8.18 13.46
N ILE C 206 3.96 9.33 13.28
CA ILE C 206 4.05 9.91 11.93
C ILE C 206 4.93 9.04 11.04
N ALA C 207 6.08 8.59 11.54
CA ALA C 207 6.95 7.72 10.74
C ALA C 207 6.17 6.51 10.22
N PHE C 208 5.38 5.89 11.08
CA PHE C 208 4.62 4.71 10.65
C PHE C 208 3.45 5.08 9.73
N LEU C 209 2.83 6.26 9.92
CA LEU C 209 1.75 6.69 9.05
C LEU C 209 2.27 7.05 7.66
N TYR C 210 3.37 7.81 7.61
CA TYR C 210 4.05 7.99 6.33
C TYR C 210 4.54 6.64 5.80
N GLY C 211 5.10 5.80 6.67
CA GLY C 211 5.61 4.50 6.25
C GLY C 211 4.54 3.61 5.67
N SER C 212 3.31 3.73 6.16
CA SER C 212 2.20 2.92 5.64
C SER C 212 1.87 3.33 4.21
N ALA C 213 1.96 4.62 3.90
CA ALA C 213 1.73 5.06 2.54
C ALA C 213 2.89 4.66 1.63
N LEU C 214 4.13 4.84 2.10
CA LEU C 214 5.29 4.36 1.36
C LEU C 214 5.16 2.87 1.04
N LEU C 215 4.84 2.05 2.05
CA LEU C 215 4.84 0.60 1.90
C LEU C 215 3.68 0.14 1.03
N PHE C 216 2.48 0.69 1.23
CA PHE C 216 1.38 0.26 0.39
C PHE C 216 1.57 0.76 -1.04
N ALA C 217 2.17 1.94 -1.23
CA ALA C 217 2.55 2.34 -2.58
C ALA C 217 3.55 1.34 -3.16
N MET C 218 4.60 0.99 -2.41
CA MET C 218 5.57 0.01 -2.87
C MET C 218 4.88 -1.31 -3.21
N HIS C 219 4.15 -1.85 -2.25
CA HIS C 219 3.59 -3.19 -2.39
C HIS C 219 2.51 -3.23 -3.46
N GLY C 220 1.57 -2.26 -3.41
CA GLY C 220 0.52 -2.21 -4.41
C GLY C 220 1.06 -2.08 -5.81
N ALA C 221 2.08 -1.22 -5.99
CA ALA C 221 2.71 -1.09 -7.29
C ALA C 221 3.45 -2.37 -7.69
N THR C 222 4.12 -3.02 -6.73
CA THR C 222 4.86 -4.24 -7.05
C THR C 222 3.93 -5.34 -7.55
N ILE C 223 2.85 -5.63 -6.81
CA ILE C 223 1.90 -6.66 -7.21
C ILE C 223 1.29 -6.35 -8.57
N LEU C 224 0.87 -5.10 -8.82
CA LEU C 224 0.36 -4.79 -10.15
C LEU C 224 1.44 -4.99 -11.21
N ALA C 225 2.68 -4.62 -10.92
CA ALA C 225 3.76 -4.81 -11.90
C ALA C 225 4.03 -6.29 -12.18
N VAL C 226 3.76 -7.19 -11.25
CA VAL C 226 3.90 -8.63 -11.52
C VAL C 226 2.54 -9.32 -11.69
N SER C 227 1.43 -8.57 -11.82
CA SER C 227 0.14 -9.24 -12.03
C SER C 227 0.08 -9.91 -13.39
N ARG C 228 0.95 -9.55 -14.32
CA ARG C 228 1.13 -10.26 -15.59
C ARG C 228 1.70 -11.66 -15.43
N PHE C 229 2.11 -12.05 -14.21
CA PHE C 229 2.48 -13.43 -13.88
C PHE C 229 1.62 -13.95 -12.73
N GLY C 230 0.41 -13.44 -12.59
CA GLY C 230 -0.45 -13.94 -11.54
C GLY C 230 -0.05 -13.48 -10.16
N GLY C 231 0.70 -12.38 -10.10
CA GLY C 231 1.27 -11.93 -8.84
C GLY C 231 0.26 -11.77 -7.73
N GLU C 232 -0.96 -11.31 -8.05
CA GLU C 232 -1.89 -11.01 -6.95
C GLU C 232 -2.49 -12.26 -6.32
N ARG C 233 -2.21 -13.45 -6.88
CA ARG C 233 -2.68 -14.70 -6.27
C ARG C 233 -1.67 -15.10 -5.19
N GLU C 234 -1.70 -14.32 -4.11
CA GLU C 234 -0.59 -14.33 -3.16
C GLU C 234 -0.55 -15.60 -2.30
N LEU C 235 -1.71 -16.16 -1.95
CA LEU C 235 -1.69 -17.36 -1.13
C LEU C 235 -1.02 -18.52 -1.87
N GLU C 236 -1.31 -18.68 -3.16
CA GLU C 236 -0.68 -19.77 -3.90
C GLU C 236 0.79 -19.45 -4.21
N GLN C 237 1.14 -18.17 -4.38
CA GLN C 237 2.55 -17.81 -4.50
C GLN C 237 3.31 -18.10 -3.19
N ILE C 238 2.63 -17.99 -2.05
CA ILE C 238 3.27 -18.38 -0.79
C ILE C 238 3.51 -19.89 -0.76
N ALA C 239 2.50 -20.66 -1.17
CA ALA C 239 2.55 -22.12 -1.13
C ALA C 239 3.47 -22.71 -2.20
N ASP C 240 3.68 -22.00 -3.30
CA ASP C 240 4.40 -22.53 -4.43
C ASP C 240 4.94 -21.36 -5.27
N ARG C 241 6.05 -20.79 -4.81
CA ARG C 241 6.65 -19.60 -5.41
C ARG C 241 6.70 -19.65 -6.92
N GLY C 242 6.16 -18.61 -7.57
CA GLY C 242 6.24 -18.45 -9.01
C GLY C 242 7.21 -17.36 -9.43
N THR C 243 7.29 -17.15 -10.75
CA THR C 243 8.20 -16.12 -11.24
C THR C 243 7.75 -14.71 -10.82
N ALA C 244 6.44 -14.50 -10.60
CA ALA C 244 5.93 -13.23 -10.06
C ALA C 244 6.59 -12.90 -8.74
N ALA C 245 6.62 -13.87 -7.81
CA ALA C 245 7.21 -13.63 -6.50
C ALA C 245 8.72 -13.44 -6.60
N GLU C 246 9.36 -14.11 -7.56
CA GLU C 246 10.81 -13.96 -7.72
C GLU C 246 11.17 -12.62 -8.34
N ARG C 247 10.41 -12.17 -9.35
CA ARG C 247 10.72 -10.88 -9.95
C ARG C 247 10.42 -9.74 -8.99
N ALA C 248 9.32 -9.84 -8.25
CA ALA C 248 9.02 -8.87 -7.20
C ALA C 248 10.18 -8.75 -6.22
N ALA C 249 10.65 -9.89 -5.68
CA ALA C 249 11.78 -9.88 -4.75
C ALA C 249 13.03 -9.28 -5.39
N LEU C 250 13.32 -9.63 -6.64
CA LEU C 250 14.58 -9.17 -7.21
C LEU C 250 14.52 -7.71 -7.63
N PHE C 251 13.34 -7.17 -7.95
CA PHE C 251 13.28 -5.73 -8.17
C PHE C 251 13.82 -5.00 -6.94
N TRP C 252 13.40 -5.43 -5.74
CA TRP C 252 13.76 -4.72 -4.53
C TRP C 252 15.16 -5.07 -4.06
N ARG C 253 15.60 -6.32 -4.25
CA ARG C 253 16.99 -6.67 -3.98
CA ARG C 253 16.99 -6.65 -3.96
C ARG C 253 17.93 -5.82 -4.82
N TRP C 254 17.67 -5.77 -6.14
CA TRP C 254 18.52 -4.97 -7.02
C TRP C 254 18.41 -3.47 -6.74
N THR C 255 17.25 -3.00 -6.24
CA THR C 255 17.07 -1.57 -6.00
C THR C 255 17.74 -1.14 -4.70
N MET C 256 17.39 -1.79 -3.59
CA MET C 256 17.79 -1.35 -2.26
C MET C 256 18.59 -2.40 -1.49
N GLY C 257 18.94 -3.53 -2.11
CA GLY C 257 19.85 -4.47 -1.51
C GLY C 257 19.24 -5.50 -0.57
N PHE C 258 17.93 -5.48 -0.37
CA PHE C 258 17.26 -6.56 0.35
C PHE C 258 15.81 -6.62 -0.14
N ASN C 259 15.07 -7.61 0.35
CA ASN C 259 13.76 -7.87 -0.22
C ASN C 259 12.93 -8.65 0.77
N ALA C 260 11.72 -8.96 0.36
CA ALA C 260 10.78 -9.69 1.22
C ALA C 260 10.42 -11.01 0.54
N THR C 261 9.49 -11.73 1.16
CA THR C 261 8.81 -12.83 0.51
C THR C 261 7.34 -12.47 0.33
N MET C 262 6.66 -13.27 -0.49
CA MET C 262 5.23 -13.10 -0.68
C MET C 262 4.48 -13.20 0.66
N GLU C 263 4.91 -14.06 1.58
CA GLU C 263 4.28 -14.01 2.90
C GLU C 263 4.80 -12.86 3.74
N GLY C 264 6.12 -12.69 3.79
CA GLY C 264 6.70 -11.78 4.77
C GLY C 264 6.34 -10.32 4.55
N ILE C 265 6.10 -9.92 3.29
CA ILE C 265 5.70 -8.54 3.02
C ILE C 265 4.40 -8.22 3.73
N HIS C 266 3.55 -9.22 3.97
CA HIS C 266 2.32 -8.92 4.70
C HIS C 266 2.57 -8.80 6.19
N ARG C 267 3.70 -9.29 6.69
CA ARG C 267 4.05 -9.02 8.08
C ARG C 267 4.62 -7.61 8.24
N TRP C 268 5.47 -7.17 7.30
CA TRP C 268 5.85 -5.76 7.25
C TRP C 268 4.61 -4.89 7.19
N ALA C 269 3.67 -5.24 6.30
CA ALA C 269 2.45 -4.45 6.12
C ALA C 269 1.66 -4.33 7.41
N ILE C 270 1.34 -5.46 8.05
CA ILE C 270 0.46 -5.40 9.21
C ILE C 270 1.11 -4.63 10.33
N TRP C 271 2.43 -4.76 10.48
CA TRP C 271 3.10 -4.12 11.61
C TRP C 271 3.30 -2.62 11.37
N MET C 272 3.74 -2.24 10.17
CA MET C 272 3.81 -0.83 9.79
C MET C 272 2.52 -0.09 10.13
N ALA C 273 1.37 -0.62 9.70
CA ALA C 273 0.10 0.04 9.99
C ALA C 273 -0.27 -0.02 11.46
N VAL C 274 -0.10 -1.18 12.09
CA VAL C 274 -0.52 -1.34 13.48
C VAL C 274 0.26 -0.42 14.41
N LEU C 275 1.51 -0.09 14.06
CA LEU C 275 2.33 0.71 14.94
C LEU C 275 1.95 2.20 14.88
N VAL C 276 1.18 2.62 13.88
CA VAL C 276 0.62 3.98 13.85
C VAL C 276 -0.16 4.25 15.12
N THR C 277 -1.21 3.48 15.36
CA THR C 277 -2.06 3.74 16.51
C THR C 277 -1.51 3.15 17.80
N LEU C 278 -0.57 2.21 17.72
CA LEU C 278 0.01 1.67 18.94
C LEU C 278 0.90 2.70 19.62
N THR C 279 1.88 3.23 18.89
CA THR C 279 2.71 4.29 19.43
C THR C 279 1.89 5.56 19.68
N GLY C 280 0.96 5.85 18.77
CA GLY C 280 0.15 7.04 18.94
C GLY C 280 -0.63 7.04 20.24
N GLY C 281 -1.28 5.91 20.55
CA GLY C 281 -2.01 5.81 21.80
C GLY C 281 -1.14 5.93 23.02
N ILE C 282 0.12 5.48 22.92
CA ILE C 282 1.05 5.68 24.03
C ILE C 282 1.35 7.16 24.19
N GLY C 283 1.66 7.85 23.08
CA GLY C 283 1.94 9.27 23.14
C GLY C 283 0.80 10.07 23.76
N ILE C 284 -0.44 9.74 23.41
CA ILE C 284 -1.58 10.46 23.97
C ILE C 284 -1.76 10.12 25.44
N LEU C 285 -1.66 8.83 25.78
CA LEU C 285 -1.91 8.41 27.16
C LEU C 285 -0.91 9.03 28.13
N LEU C 286 0.32 9.25 27.68
CA LEU C 286 1.35 9.85 28.51
C LEU C 286 1.17 11.35 28.68
N SER C 287 0.36 11.97 27.83
CA SER C 287 0.23 13.42 27.77
C SER C 287 -0.72 13.91 28.86
N GLY C 288 -0.20 14.72 29.78
CA GLY C 288 -0.98 15.25 30.87
C GLY C 288 -1.19 14.30 32.02
N THR C 289 -0.90 13.01 31.85
CA THR C 289 -0.87 12.10 32.98
C THR C 289 0.50 12.08 33.62
N VAL C 290 1.54 12.07 32.80
CA VAL C 290 2.93 11.91 33.24
C VAL C 290 3.76 13.06 32.71
N VAL C 291 3.39 13.59 31.56
CA VAL C 291 4.13 14.68 30.94
C VAL C 291 3.14 15.80 30.62
N ASP C 292 3.33 16.96 31.27
CA ASP C 292 2.49 18.12 31.04
C ASP C 292 2.93 18.94 29.85
N ASN C 293 4.18 18.82 29.43
CA ASN C 293 4.74 19.71 28.42
C ASN C 293 5.85 18.96 27.71
N TRP C 294 5.60 18.58 26.46
CA TRP C 294 6.62 17.78 25.75
C TRP C 294 7.87 18.58 25.45
N TYR C 295 7.75 19.90 25.24
CA TYR C 295 8.94 20.73 25.07
C TYR C 295 9.83 20.64 26.29
N VAL C 296 9.23 20.79 27.48
CA VAL C 296 9.98 20.77 28.73
C VAL C 296 10.62 19.39 28.93
N TRP C 297 9.82 18.33 28.73
CA TRP C 297 10.31 16.97 28.88
C TRP C 297 11.51 16.72 27.98
N GLY C 298 11.48 17.24 26.75
CA GLY C 298 12.58 17.00 25.84
C GLY C 298 13.85 17.73 26.23
N GLN C 299 13.71 18.84 26.96
CA GLN C 299 14.89 19.55 27.43
C GLN C 299 15.64 18.72 28.47
N ASN C 300 14.92 17.82 29.16
CA ASN C 300 15.50 17.02 30.22
C ASN C 300 15.79 15.57 29.83
N HIS C 301 15.44 15.14 28.62
CA HIS C 301 15.51 13.72 28.28
C HIS C 301 15.99 13.55 26.85
N GLY C 302 17.20 14.05 26.56
CA GLY C 302 17.80 13.90 25.25
C GLY C 302 18.56 15.11 24.78
#